data_6POC
#
_entry.id   6POC
#
_cell.length_a   52.130
_cell.length_b   122.260
_cell.length_c   164.820
_cell.angle_alpha   90.00
_cell.angle_beta   90.00
_cell.angle_gamma   90.00
#
_symmetry.space_group_name_H-M   'P 21 21 21'
#
loop_
_entity.id
_entity.type
_entity.pdbx_description
1 polymer 'Nitric oxide synthase, brain'
2 non-polymer 'PROTOPORPHYRIN IX CONTAINING FE'
3 non-polymer 7-{3-(aminomethyl)-4-[(1,3-oxazol-4-yl)methoxy]phenyl}-4-methylquinolin-2-amine
4 non-polymer GLYCEROL
5 non-polymer 'ZINC ION'
6 water water
#
_entity_poly.entity_id   1
_entity_poly.type   'polypeptide(L)'
_entity_poly.pdbx_seq_one_letter_code
;CPRFLKVKNWETEVVLTDTLHLKSTLETGCTEYICMGSIMHPSQHARRPEDVATKDQLFPLAKEFIDQYYSSIKRFGSKA
HMERLEEVNKEIDTTSTYQLKDTELIYGAKHAWRNASRCVGRIQWSKLQVFDARDCTTAHGMFNYICNHVKYATNKGNLR
SAITIFPQRTDGKHDFRVWNSQLIRYAGYKQPDGSTLGDPANVQFTEICIQQGWKPPRGRFDVLPLLLQANGNDPELFQI
PPELVLEVPIRHPKFEWFKDLGLKWYGLPAVSNMLLEIGGLEFSACPFSGWYMGTEIGVRDYCDNSRYNILEEVAKKMNL
DMRKTSSLWKDQALVEINIAVLYSFQSDKVTIVDHHSATESFIKHMENEYRCRGGCPADWVWIVPPMSGSITPVFHQEML
NYRLTPSFEYQPDPWNTHVWK
;
_entity_poly.pdbx_strand_id   A,B
#
loop_
_chem_comp.id
_chem_comp.type
_chem_comp.name
_chem_comp.formula
GOL non-polymer GLYCEROL 'C3 H8 O3'
HEM non-polymer 'PROTOPORPHYRIN IX CONTAINING FE' 'C34 H32 Fe N4 O4'
OU4 non-polymer 7-{3-(aminomethyl)-4-[(1,3-oxazol-4-yl)methoxy]phenyl}-4-methylquinolin-2-amine 'C21 H20 N4 O2'
ZN non-polymer 'ZINC ION' 'Zn 2'
#
# COMPACT_ATOMS: atom_id res chain seq x y z
N CYS A 1 -20.94 -14.73 -1.34
CA CYS A 1 -20.73 -13.55 -0.50
C CYS A 1 -22.00 -13.17 0.25
N PRO A 2 -21.87 -12.40 1.32
CA PRO A 2 -23.04 -11.80 1.97
C PRO A 2 -23.36 -10.44 1.34
N ARG A 3 -24.53 -9.92 1.71
CA ARG A 3 -25.06 -8.74 1.03
C ARG A 3 -24.31 -7.46 1.40
N PHE A 4 -23.91 -7.32 2.66
CA PHE A 4 -23.29 -6.09 3.16
C PHE A 4 -21.82 -6.34 3.47
N LEU A 5 -21.00 -5.35 3.18
CA LEU A 5 -19.58 -5.39 3.52
C LEU A 5 -19.16 -4.05 4.11
N LYS A 6 -18.53 -4.07 5.27
CA LYS A 6 -18.19 -2.84 5.98
C LYS A 6 -16.70 -2.54 5.89
N VAL A 7 -16.38 -1.25 5.71
CA VAL A 7 -15.00 -0.76 5.73
C VAL A 7 -14.89 0.28 6.83
N LYS A 8 -13.74 0.31 7.48
CA LYS A 8 -13.49 1.17 8.63
C LYS A 8 -12.38 2.15 8.31
N ASN A 9 -12.58 3.40 8.69
CA ASN A 9 -11.52 4.39 8.71
C ASN A 9 -10.96 4.43 10.13
N TRP A 10 -9.68 4.07 10.27
CA TRP A 10 -9.12 3.91 11.62
C TRP A 10 -8.64 5.22 12.22
N GLU A 11 -8.65 6.31 11.45
CA GLU A 11 -8.37 7.63 11.99
C GLU A 11 -9.62 8.30 12.53
N THR A 12 -10.75 8.16 11.83
CA THR A 12 -11.99 8.85 12.18
C THR A 12 -13.03 7.92 12.81
N GLU A 13 -12.85 6.61 12.70
CA GLU A 13 -13.77 5.56 13.15
C GLU A 13 -15.07 5.49 12.35
N VAL A 14 -15.21 6.25 11.26
CA VAL A 14 -16.37 6.13 10.37
C VAL A 14 -16.39 4.75 9.73
N VAL A 15 -17.55 4.10 9.75
CA VAL A 15 -17.78 2.83 9.08
C VAL A 15 -18.71 3.06 7.89
N LEU A 16 -18.41 2.42 6.76
CA LEU A 16 -19.21 2.53 5.55
C LEU A 16 -19.64 1.14 5.12
N THR A 17 -20.86 1.05 4.61
CA THR A 17 -21.45 -0.22 4.18
C THR A 17 -21.49 -0.27 2.65
N ASP A 18 -20.96 -1.36 2.10
CA ASP A 18 -20.84 -1.53 0.66
C ASP A 18 -21.79 -2.61 0.20
N THR A 19 -22.69 -2.25 -0.70
CA THR A 19 -23.53 -3.20 -1.43
C THR A 19 -23.21 -3.26 -2.91
N LEU A 20 -22.48 -2.27 -3.44
CA LEU A 20 -22.16 -2.24 -4.86
C LEU A 20 -21.32 -3.42 -5.30
N HIS A 21 -20.58 -4.04 -4.38
CA HIS A 21 -19.69 -5.15 -4.75
C HIS A 21 -20.45 -6.32 -5.34
N LEU A 22 -21.75 -6.42 -5.06
CA LEU A 22 -22.56 -7.49 -5.62
C LEU A 22 -22.72 -7.38 -7.12
N LYS A 23 -22.46 -6.20 -7.70
CA LYS A 23 -22.50 -6.03 -9.14
C LYS A 23 -21.14 -6.22 -9.80
N SER A 24 -20.13 -6.67 -9.04
CA SER A 24 -18.82 -6.91 -9.63
C SER A 24 -18.93 -8.00 -10.68
N THR A 25 -18.11 -7.89 -11.72
CA THR A 25 -18.30 -8.73 -12.88
C THR A 25 -17.17 -9.72 -13.09
N LEU A 26 -15.92 -9.29 -13.09
CA LEU A 26 -14.82 -10.17 -13.42
C LEU A 26 -13.94 -10.45 -12.21
N GLU A 27 -13.09 -11.46 -12.37
CA GLU A 27 -12.22 -11.93 -11.30
C GLU A 27 -11.21 -10.86 -10.92
N THR A 28 -10.77 -10.90 -9.65
CA THR A 28 -9.75 -9.99 -9.15
C THR A 28 -8.35 -10.55 -9.29
N GLY A 29 -8.21 -11.87 -9.33
CA GLY A 29 -6.95 -12.55 -9.16
C GLY A 29 -6.78 -13.19 -7.79
N CYS A 30 -7.36 -12.59 -6.75
CA CYS A 30 -7.36 -13.17 -5.42
C CYS A 30 -8.26 -14.39 -5.36
N THR A 31 -8.02 -15.20 -4.32
CA THR A 31 -8.93 -16.29 -3.94
C THR A 31 -9.10 -16.22 -2.42
N GLU A 32 -9.86 -17.17 -1.88
CA GLU A 32 -10.01 -17.18 -0.43
C GLU A 32 -8.72 -17.57 0.29
N TYR A 33 -7.74 -18.12 -0.43
CA TYR A 33 -6.50 -18.55 0.20
C TYR A 33 -5.26 -17.79 -0.25
N ILE A 34 -5.41 -16.76 -1.07
CA ILE A 34 -4.28 -15.94 -1.50
C ILE A 34 -4.79 -14.58 -1.94
N CYS A 35 -4.02 -13.55 -1.66
CA CYS A 35 -4.37 -12.20 -2.10
C CYS A 35 -3.31 -11.70 -3.06
N MET A 36 -3.74 -11.18 -4.21
CA MET A 36 -2.85 -10.71 -5.26
C MET A 36 -2.89 -9.20 -5.42
N GLY A 37 -3.29 -8.48 -4.37
CA GLY A 37 -3.53 -7.05 -4.49
C GLY A 37 -2.30 -6.21 -4.82
N SER A 38 -1.10 -6.77 -4.73
CA SER A 38 0.11 -6.05 -5.14
C SER A 38 0.67 -6.53 -6.47
N ILE A 39 0.03 -7.52 -7.11
CA ILE A 39 0.40 -7.92 -8.47
C ILE A 39 -0.08 -6.84 -9.44
N MET A 40 0.75 -6.48 -10.41
CA MET A 40 0.29 -5.39 -11.26
C MET A 40 -0.73 -5.84 -12.29
N HIS A 41 -0.54 -7.02 -12.90
CA HIS A 41 -1.51 -7.58 -13.84
C HIS A 41 -1.97 -8.95 -13.35
N PRO A 42 -2.93 -9.01 -12.43
CA PRO A 42 -3.42 -10.31 -11.95
C PRO A 42 -4.24 -11.06 -12.99
N ARG A 48 -4.72 -14.37 -28.55
CA ARG A 48 -4.55 -14.07 -29.96
C ARG A 48 -5.32 -12.79 -30.32
N PRO A 49 -4.75 -11.98 -31.22
CA PRO A 49 -5.50 -10.80 -31.70
C PRO A 49 -6.83 -11.15 -32.33
N GLU A 50 -6.95 -12.35 -32.92
CA GLU A 50 -8.16 -12.75 -33.62
C GLU A 50 -9.34 -13.00 -32.67
N ASP A 51 -9.08 -13.19 -31.38
CA ASP A 51 -10.11 -13.61 -30.44
C ASP A 51 -10.97 -12.41 -30.02
N VAL A 52 -12.18 -12.33 -30.58
CA VAL A 52 -13.16 -11.32 -30.20
C VAL A 52 -14.40 -12.03 -29.68
N ALA A 53 -15.26 -11.25 -29.02
CA ALA A 53 -16.45 -11.82 -28.41
C ALA A 53 -17.40 -12.37 -29.49
N THR A 54 -17.95 -13.54 -29.22
CA THR A 54 -18.91 -14.17 -30.11
C THR A 54 -20.30 -13.60 -29.87
N LYS A 55 -21.24 -13.96 -30.74
CA LYS A 55 -22.64 -13.59 -30.54
C LYS A 55 -23.12 -13.97 -29.15
N ASP A 56 -22.91 -15.23 -28.76
CA ASP A 56 -23.43 -15.73 -27.50
C ASP A 56 -22.79 -15.03 -26.31
N GLN A 57 -21.53 -14.63 -26.42
CA GLN A 57 -20.88 -13.88 -25.35
C GLN A 57 -21.37 -12.43 -25.32
N LEU A 58 -21.65 -11.86 -26.49
CA LEU A 58 -21.91 -10.42 -26.56
C LEU A 58 -23.31 -10.06 -26.04
N PHE A 59 -24.32 -10.85 -26.38
CA PHE A 59 -25.71 -10.65 -25.95
C PHE A 59 -25.82 -10.28 -24.48
N PRO A 60 -25.42 -11.14 -23.54
CA PRO A 60 -25.65 -10.79 -22.13
C PRO A 60 -24.85 -9.57 -21.70
N LEU A 61 -23.66 -9.35 -22.26
CA LEU A 61 -22.86 -8.19 -21.88
C LEU A 61 -23.49 -6.90 -22.34
N ALA A 62 -23.99 -6.88 -23.59
CA ALA A 62 -24.72 -5.71 -24.08
C ALA A 62 -25.95 -5.46 -23.20
N LYS A 63 -26.73 -6.51 -22.95
CA LYS A 63 -27.95 -6.35 -22.16
C LYS A 63 -27.64 -5.76 -20.80
N GLU A 64 -26.62 -6.32 -20.12
CA GLU A 64 -26.24 -5.82 -18.81
C GLU A 64 -25.98 -4.31 -18.86
N PHE A 65 -25.24 -3.87 -19.88
CA PHE A 65 -24.89 -2.46 -19.95
C PHE A 65 -26.12 -1.60 -20.27
N ILE A 66 -26.94 -2.03 -21.23
CA ILE A 66 -28.11 -1.25 -21.60
C ILE A 66 -29.04 -1.13 -20.41
N ASP A 67 -29.25 -2.23 -19.68
CA ASP A 67 -30.04 -2.20 -18.45
C ASP A 67 -29.48 -1.18 -17.48
N GLN A 68 -28.17 -1.24 -17.25
CA GLN A 68 -27.54 -0.32 -16.32
C GLN A 68 -27.68 1.13 -16.80
N TYR A 69 -27.64 1.35 -18.11
CA TYR A 69 -27.80 2.71 -18.64
C TYR A 69 -29.22 3.23 -18.43
N TYR A 70 -30.22 2.44 -18.83
CA TYR A 70 -31.59 2.91 -18.69
C TYR A 70 -32.01 3.00 -17.23
N SER A 71 -31.41 2.18 -16.37
CA SER A 71 -31.61 2.37 -14.94
C SER A 71 -31.05 3.72 -14.48
N SER A 72 -29.87 4.10 -14.99
CA SER A 72 -29.26 5.35 -14.55
C SER A 72 -30.06 6.58 -14.97
N ILE A 73 -30.77 6.52 -16.11
CA ILE A 73 -31.54 7.67 -16.55
C ILE A 73 -32.99 7.54 -16.10
N LYS A 74 -33.24 6.64 -15.14
CA LYS A 74 -34.58 6.50 -14.54
C LYS A 74 -35.64 6.21 -15.60
N ARG A 75 -35.31 5.32 -16.53
CA ARG A 75 -36.22 4.87 -17.58
C ARG A 75 -36.17 3.35 -17.72
N PHE A 76 -35.81 2.67 -16.64
CA PHE A 76 -35.68 1.23 -16.66
C PHE A 76 -37.04 0.57 -16.89
N GLY A 77 -37.06 -0.43 -17.76
CA GLY A 77 -38.30 -1.07 -18.14
C GLY A 77 -39.18 -0.27 -19.07
N SER A 78 -38.78 0.95 -19.44
CA SER A 78 -39.57 1.79 -20.32
C SER A 78 -39.67 1.19 -21.72
N LYS A 79 -40.61 1.72 -22.50
CA LYS A 79 -40.70 1.36 -23.91
C LYS A 79 -39.37 1.58 -24.61
N ALA A 80 -38.74 2.74 -24.38
CA ALA A 80 -37.47 3.04 -25.01
C ALA A 80 -36.38 2.08 -24.58
N HIS A 81 -36.42 1.61 -23.33
CA HIS A 81 -35.47 0.60 -22.87
C HIS A 81 -35.67 -0.71 -23.61
N MET A 82 -36.92 -1.16 -23.70
CA MET A 82 -37.20 -2.44 -24.35
C MET A 82 -36.92 -2.38 -25.84
N GLU A 83 -37.15 -1.21 -26.47
CA GLU A 83 -36.85 -1.08 -27.89
C GLU A 83 -35.34 -1.07 -28.12
N ARG A 84 -34.60 -0.31 -27.31
CA ARG A 84 -33.14 -0.31 -27.43
C ARG A 84 -32.58 -1.71 -27.28
N LEU A 85 -33.06 -2.45 -26.28
CA LEU A 85 -32.68 -3.85 -26.11
C LEU A 85 -32.92 -4.65 -27.38
N GLU A 86 -34.12 -4.53 -27.97
CA GLU A 86 -34.45 -5.31 -29.16
C GLU A 86 -33.63 -4.88 -30.37
N GLU A 87 -33.24 -3.60 -30.44
CA GLU A 87 -32.42 -3.12 -31.54
C GLU A 87 -30.99 -3.66 -31.42
N VAL A 88 -30.44 -3.63 -30.22
CA VAL A 88 -29.11 -4.18 -29.98
C VAL A 88 -29.09 -5.68 -30.28
N ASN A 89 -30.11 -6.40 -29.79
CA ASN A 89 -30.17 -7.84 -30.02
C ASN A 89 -30.20 -8.18 -31.51
N LYS A 90 -30.81 -7.32 -32.34
CA LYS A 90 -30.88 -7.59 -33.77
C LYS A 90 -29.59 -7.20 -34.49
N GLU A 91 -28.96 -6.08 -34.12
CA GLU A 91 -27.62 -5.77 -34.64
C GLU A 91 -26.66 -6.91 -34.35
N ILE A 92 -26.63 -7.39 -33.11
CA ILE A 92 -25.70 -8.47 -32.75
C ILE A 92 -26.02 -9.71 -33.55
N ASP A 93 -27.31 -9.98 -33.77
CA ASP A 93 -27.70 -11.20 -34.46
C ASP A 93 -27.23 -11.21 -35.91
N THR A 94 -27.31 -10.05 -36.59
CA THR A 94 -27.07 -9.97 -38.02
C THR A 94 -25.75 -9.32 -38.40
N THR A 95 -25.02 -8.75 -37.44
CA THR A 95 -23.71 -8.18 -37.73
C THR A 95 -22.62 -8.66 -36.77
N SER A 96 -22.97 -9.47 -35.77
CA SER A 96 -22.05 -9.99 -34.75
C SER A 96 -21.49 -8.88 -33.85
N THR A 97 -22.01 -7.67 -33.95
CA THR A 97 -21.61 -6.59 -33.05
C THR A 97 -22.75 -5.58 -33.01
N TYR A 98 -22.54 -4.48 -32.30
CA TYR A 98 -23.49 -3.38 -32.30
C TYR A 98 -22.76 -2.08 -32.06
N GLN A 99 -23.47 -0.98 -32.31
CA GLN A 99 -22.97 0.38 -32.19
C GLN A 99 -23.65 1.06 -31.01
N LEU A 100 -22.87 1.75 -30.18
CA LEU A 100 -23.46 2.50 -29.08
C LEU A 100 -24.07 3.81 -29.58
N LYS A 101 -25.15 4.23 -28.93
CA LYS A 101 -25.65 5.57 -29.14
C LYS A 101 -24.68 6.57 -28.52
N ASP A 102 -24.72 7.82 -29.00
CA ASP A 102 -23.85 8.84 -28.43
C ASP A 102 -24.05 8.98 -26.93
N THR A 103 -25.31 8.95 -26.47
CA THR A 103 -25.56 8.99 -25.03
C THR A 103 -24.89 7.83 -24.31
N GLU A 104 -24.94 6.64 -24.91
CA GLU A 104 -24.43 5.46 -24.23
C GLU A 104 -22.92 5.48 -24.18
N LEU A 105 -22.29 5.95 -25.26
CA LEU A 105 -20.84 6.11 -25.30
C LEU A 105 -20.37 7.07 -24.22
N ILE A 106 -21.05 8.22 -24.09
CA ILE A 106 -20.69 9.22 -23.09
C ILE A 106 -20.83 8.62 -21.69
N TYR A 107 -21.97 7.98 -21.42
CA TYR A 107 -22.19 7.33 -20.13
C TYR A 107 -21.15 6.24 -19.88
N GLY A 108 -20.89 5.40 -20.88
CA GLY A 108 -19.88 4.35 -20.76
C GLY A 108 -18.51 4.87 -20.35
N ALA A 109 -18.07 5.98 -20.96
CA ALA A 109 -16.72 6.49 -20.71
C ALA A 109 -16.58 7.09 -19.32
N LYS A 110 -17.61 7.82 -18.89
CA LYS A 110 -17.58 8.42 -17.57
C LYS A 110 -17.57 7.36 -16.48
N HIS A 111 -18.17 6.21 -16.75
CA HIS A 111 -18.28 5.20 -15.73
C HIS A 111 -17.08 4.27 -15.73
N ALA A 112 -16.40 4.10 -16.86
CA ALA A 112 -15.10 3.46 -16.80
C ALA A 112 -14.17 4.23 -15.89
N TRP A 113 -14.22 5.57 -15.94
CA TRP A 113 -13.42 6.37 -15.03
C TRP A 113 -13.94 6.26 -13.60
N ARG A 114 -15.26 6.39 -13.42
CA ARG A 114 -15.85 6.24 -12.11
C ARG A 114 -15.50 4.90 -11.47
N ASN A 115 -15.34 3.86 -12.29
CA ASN A 115 -15.07 2.51 -11.81
C ASN A 115 -13.58 2.20 -11.69
N ALA A 116 -12.70 3.12 -12.06
CA ALA A 116 -11.25 2.84 -12.05
C ALA A 116 -10.73 2.80 -10.60
N SER A 117 -10.62 1.58 -10.05
CA SER A 117 -10.31 1.47 -8.62
CA SER A 117 -10.27 1.40 -8.63
C SER A 117 -8.95 2.05 -8.25
N ARG A 118 -8.02 2.17 -9.19
CA ARG A 118 -6.70 2.72 -8.88
C ARG A 118 -6.59 4.23 -8.99
N CYS A 119 -7.65 4.95 -9.44
CA CYS A 119 -7.55 6.39 -9.64
C CYS A 119 -7.96 7.18 -8.40
N VAL A 120 -7.03 7.97 -7.88
CA VAL A 120 -7.36 8.86 -6.78
C VAL A 120 -8.16 10.06 -7.24
N GLY A 121 -8.17 10.33 -8.55
CA GLY A 121 -8.76 11.55 -9.03
C GLY A 121 -10.24 11.49 -9.36
N ARG A 122 -10.95 10.42 -9.00
CA ARG A 122 -12.29 10.15 -9.51
C ARG A 122 -13.37 11.11 -9.01
N ILE A 123 -13.08 12.06 -8.12
CA ILE A 123 -14.14 12.96 -7.66
C ILE A 123 -14.69 13.78 -8.81
N GLN A 124 -13.93 13.84 -9.91
CA GLN A 124 -14.19 14.62 -11.11
C GLN A 124 -14.88 13.82 -12.21
N TRP A 125 -15.15 12.53 -11.96
CA TRP A 125 -15.45 11.60 -13.06
C TRP A 125 -16.59 12.09 -13.96
N SER A 126 -17.58 12.76 -13.39
CA SER A 126 -18.72 13.15 -14.20
C SER A 126 -18.44 14.38 -15.06
N LYS A 127 -17.32 15.07 -14.81
CA LYS A 127 -16.92 16.25 -15.56
C LYS A 127 -15.78 15.87 -16.53
N LEU A 128 -16.17 15.15 -17.58
CA LEU A 128 -15.24 14.57 -18.53
C LEU A 128 -15.76 14.85 -19.94
N GLN A 129 -14.94 15.48 -20.76
CA GLN A 129 -15.32 15.77 -22.13
C GLN A 129 -15.04 14.55 -22.98
N VAL A 130 -16.08 14.00 -23.60
CA VAL A 130 -15.95 12.82 -24.46
C VAL A 130 -15.94 13.28 -25.90
N PHE A 131 -14.89 12.92 -26.63
CA PHE A 131 -14.79 13.22 -28.06
C PHE A 131 -15.04 11.93 -28.83
N ASP A 132 -16.04 11.96 -29.71
CA ASP A 132 -16.44 10.77 -30.47
C ASP A 132 -15.63 10.76 -31.76
N ALA A 133 -14.72 9.79 -31.91
CA ALA A 133 -13.87 9.66 -33.08
C ALA A 133 -14.12 8.35 -33.80
N ARG A 134 -15.33 7.82 -33.65
CA ARG A 134 -15.67 6.56 -34.32
C ARG A 134 -15.87 6.71 -35.84
N ASP A 135 -15.84 7.93 -36.39
CA ASP A 135 -15.85 8.09 -37.85
C ASP A 135 -14.44 8.07 -38.45
N CYS A 136 -13.41 7.97 -37.62
CA CYS A 136 -12.04 8.02 -38.10
C CYS A 136 -11.69 6.77 -38.91
N THR A 137 -10.91 6.95 -39.97
CA THR A 137 -10.52 5.82 -40.82
C THR A 137 -9.02 5.73 -41.11
N THR A 138 -8.24 6.76 -40.81
CA THR A 138 -6.82 6.78 -41.16
C THR A 138 -6.00 7.36 -40.02
N ALA A 139 -4.69 7.12 -40.08
CA ALA A 139 -3.78 7.63 -39.06
C ALA A 139 -3.66 9.15 -39.11
N HIS A 140 -3.78 9.76 -40.30
CA HIS A 140 -3.82 11.22 -40.36
C HIS A 140 -5.04 11.75 -39.62
N GLY A 141 -6.17 11.05 -39.70
CA GLY A 141 -7.34 11.50 -38.97
C GLY A 141 -7.23 11.24 -37.47
N MET A 142 -6.55 10.17 -37.09
CA MET A 142 -6.25 10.00 -35.67
C MET A 142 -5.41 11.17 -35.17
N PHE A 143 -4.39 11.55 -35.94
CA PHE A 143 -3.55 12.70 -35.58
C PHE A 143 -4.39 13.96 -35.41
N ASN A 144 -5.34 14.18 -36.33
CA ASN A 144 -6.23 15.33 -36.22
C ASN A 144 -7.01 15.28 -34.91
N TYR A 145 -7.69 14.17 -34.65
CA TYR A 145 -8.44 14.02 -33.41
C TYR A 145 -7.55 14.18 -32.18
N ILE A 146 -6.31 13.70 -32.24
CA ILE A 146 -5.45 13.76 -31.06
C ILE A 146 -4.91 15.16 -30.84
N CYS A 147 -4.61 15.89 -31.93
CA CYS A 147 -4.22 17.29 -31.79
C CYS A 147 -5.33 18.13 -31.18
N ASN A 148 -6.57 17.90 -31.57
CA ASN A 148 -7.68 18.67 -30.98
C ASN A 148 -7.93 18.24 -29.53
N HIS A 149 -7.71 16.97 -29.20
CA HIS A 149 -7.82 16.58 -27.79
C HIS A 149 -6.78 17.33 -26.97
N VAL A 150 -5.52 17.26 -27.39
CA VAL A 150 -4.44 17.97 -26.71
C VAL A 150 -4.78 19.46 -26.55
N LYS A 151 -5.22 20.11 -27.64
CA LYS A 151 -5.46 21.54 -27.53
C LYS A 151 -6.62 21.84 -26.59
N TYR A 152 -7.69 21.05 -26.66
CA TYR A 152 -8.81 21.25 -25.75
C TYR A 152 -8.42 20.97 -24.29
N ALA A 153 -7.82 19.79 -24.02
CA ALA A 153 -7.52 19.42 -22.64
C ALA A 153 -6.54 20.38 -21.99
N THR A 154 -5.58 20.91 -22.76
CA THR A 154 -4.56 21.79 -22.21
C THR A 154 -5.15 23.15 -21.82
N ASN A 155 -5.87 23.79 -22.74
CA ASN A 155 -6.64 24.99 -22.40
C ASN A 155 -5.75 26.06 -21.76
N LYS A 156 -4.58 26.28 -22.37
CA LYS A 156 -3.62 27.29 -21.93
C LYS A 156 -3.16 27.11 -20.47
N GLY A 157 -3.27 25.91 -19.90
CA GLY A 157 -2.85 25.63 -18.54
C GLY A 157 -3.97 25.35 -17.56
N ASN A 158 -5.20 25.69 -17.94
CA ASN A 158 -6.39 25.40 -17.13
C ASN A 158 -6.96 24.09 -17.64
N LEU A 159 -6.31 22.99 -17.25
CA LEU A 159 -6.54 21.70 -17.88
C LEU A 159 -7.96 21.20 -17.64
N ARG A 160 -8.50 20.49 -18.64
CA ARG A 160 -9.83 19.91 -18.60
C ARG A 160 -9.69 18.44 -18.95
N SER A 161 -10.36 17.56 -18.20
CA SER A 161 -10.22 16.15 -18.49
C SER A 161 -11.01 15.81 -19.75
N ALA A 162 -10.48 14.86 -20.52
CA ALA A 162 -11.08 14.52 -21.80
C ALA A 162 -10.63 13.13 -22.22
N ILE A 163 -11.45 12.51 -23.06
CA ILE A 163 -11.13 11.23 -23.69
C ILE A 163 -11.55 11.31 -25.16
N THR A 164 -10.77 10.69 -26.03
CA THR A 164 -11.11 10.57 -27.44
C THR A 164 -11.19 9.10 -27.79
N ILE A 165 -12.29 8.72 -28.44
CA ILE A 165 -12.66 7.32 -28.58
C ILE A 165 -12.74 6.98 -30.06
N PHE A 166 -11.77 6.21 -30.53
CA PHE A 166 -11.64 5.75 -31.91
C PHE A 166 -12.46 4.49 -32.12
N PRO A 167 -12.66 4.05 -33.37
CA PRO A 167 -13.56 2.91 -33.62
C PRO A 167 -13.22 1.69 -32.79
N GLN A 168 -14.27 0.98 -32.38
CA GLN A 168 -14.12 -0.24 -31.60
C GLN A 168 -13.53 -1.35 -32.43
N ARG A 169 -13.03 -2.35 -31.72
CA ARG A 169 -12.51 -3.56 -32.33
C ARG A 169 -13.61 -4.30 -33.07
N THR A 170 -13.22 -4.99 -34.14
CA THR A 170 -14.15 -5.82 -34.90
C THR A 170 -13.65 -7.25 -34.95
N ASP A 171 -12.80 -7.59 -35.92
CA ASP A 171 -12.28 -8.96 -36.00
C ASP A 171 -10.91 -9.09 -35.35
N GLY A 172 -10.42 -8.03 -34.69
CA GLY A 172 -9.10 -8.02 -34.10
C GLY A 172 -7.96 -7.83 -35.07
N LYS A 173 -8.23 -7.88 -36.37
CA LYS A 173 -7.25 -7.60 -37.40
C LYS A 173 -7.33 -6.17 -37.89
N HIS A 174 -8.28 -5.38 -37.40
CA HIS A 174 -8.46 -4.01 -37.87
C HIS A 174 -8.45 -3.03 -36.72
N ASP A 175 -7.65 -3.31 -35.68
CA ASP A 175 -7.63 -2.45 -34.50
C ASP A 175 -7.04 -1.08 -34.83
N PHE A 176 -7.62 -0.05 -34.21
CA PHE A 176 -6.99 1.24 -34.02
C PHE A 176 -6.15 1.20 -32.74
N ARG A 177 -4.91 1.68 -32.81
CA ARG A 177 -4.08 1.75 -31.62
C ARG A 177 -3.26 3.02 -31.64
N VAL A 178 -3.13 3.66 -30.47
CA VAL A 178 -2.05 4.61 -30.27
C VAL A 178 -0.87 3.82 -29.70
N TRP A 179 0.24 3.77 -30.44
CA TRP A 179 1.36 2.96 -29.95
C TRP A 179 2.07 3.64 -28.78
N ASN A 180 2.00 4.96 -28.69
CA ASN A 180 2.54 5.66 -27.52
C ASN A 180 1.84 5.18 -26.26
N SER A 181 2.57 5.21 -25.14
CA SER A 181 1.96 4.91 -23.85
C SER A 181 1.24 6.13 -23.30
N GLN A 182 1.80 7.33 -23.52
CA GLN A 182 1.08 8.57 -23.30
C GLN A 182 1.21 9.42 -24.55
N LEU A 183 0.23 10.31 -24.77
CA LEU A 183 0.27 11.17 -25.95
C LEU A 183 1.55 12.01 -25.93
N ILE A 184 1.93 12.51 -24.77
CA ILE A 184 3.16 13.28 -24.60
C ILE A 184 4.08 12.54 -23.64
N ARG A 185 5.23 12.08 -24.14
CA ARG A 185 6.31 11.53 -23.31
C ARG A 185 7.65 11.97 -23.87
N TYR A 186 8.68 11.97 -23.01
CA TYR A 186 10.01 12.34 -23.47
C TYR A 186 10.82 11.13 -23.92
N ALA A 187 11.59 11.33 -24.98
CA ALA A 187 12.47 10.29 -25.52
C ALA A 187 13.59 9.93 -24.54
N GLY A 188 13.94 8.64 -24.51
CA GLY A 188 15.14 8.18 -23.83
C GLY A 188 16.05 7.38 -24.76
N TYR A 189 17.34 7.70 -24.74
CA TYR A 189 18.30 7.09 -25.67
C TYR A 189 19.34 6.31 -24.87
N LYS A 190 19.36 4.99 -25.05
CA LYS A 190 20.40 4.18 -24.45
C LYS A 190 21.72 4.43 -25.17
N GLN A 191 22.79 4.64 -24.40
CA GLN A 191 24.08 4.98 -24.95
C GLN A 191 24.96 3.75 -25.06
N PRO A 192 25.96 3.77 -25.95
CA PRO A 192 26.89 2.63 -26.06
C PRO A 192 27.64 2.29 -24.77
N ASP A 193 27.78 3.24 -23.84
CA ASP A 193 28.47 3.01 -22.57
C ASP A 193 27.53 2.53 -21.45
N GLY A 194 26.27 2.30 -21.76
CA GLY A 194 25.30 1.88 -20.76
C GLY A 194 24.53 2.99 -20.08
N SER A 195 24.93 4.25 -20.23
CA SER A 195 24.17 5.34 -19.63
C SER A 195 22.90 5.62 -20.44
N THR A 196 22.05 6.50 -19.92
CA THR A 196 20.82 6.89 -20.60
C THR A 196 20.73 8.41 -20.70
N LEU A 197 20.43 8.90 -21.91
CA LEU A 197 20.09 10.30 -22.12
C LEU A 197 18.58 10.43 -22.24
N GLY A 198 18.02 11.44 -21.58
CA GLY A 198 16.58 11.60 -21.59
C GLY A 198 15.87 10.75 -20.56
N ASP A 199 14.71 10.22 -20.89
CA ASP A 199 13.89 9.51 -19.92
C ASP A 199 14.08 8.01 -20.05
N PRO A 200 14.71 7.33 -19.10
CA PRO A 200 14.93 5.88 -19.30
C PRO A 200 13.65 5.06 -19.36
N ALA A 201 12.53 5.58 -18.85
CA ALA A 201 11.27 4.83 -18.93
C ALA A 201 10.81 4.58 -20.37
N ASN A 202 11.32 5.32 -21.36
CA ASN A 202 10.78 5.28 -22.71
C ASN A 202 11.82 4.80 -23.73
N VAL A 203 12.85 4.10 -23.29
CA VAL A 203 13.93 3.71 -24.19
C VAL A 203 13.39 2.81 -25.29
N GLN A 204 12.59 1.81 -24.93
CA GLN A 204 12.12 0.83 -25.90
C GLN A 204 11.30 1.50 -26.98
N PHE A 205 10.33 2.32 -26.58
CA PHE A 205 9.46 2.95 -27.56
C PHE A 205 10.23 3.93 -28.44
N THR A 206 11.17 4.68 -27.85
CA THR A 206 12.05 5.53 -28.64
C THR A 206 12.75 4.74 -29.73
N GLU A 207 13.25 3.55 -29.40
CA GLU A 207 13.96 2.74 -30.40
C GLU A 207 13.00 2.28 -31.50
N ILE A 208 11.75 1.99 -31.14
CA ILE A 208 10.75 1.66 -32.15
C ILE A 208 10.54 2.86 -33.08
N CYS A 209 10.40 4.06 -32.50
CA CYS A 209 10.18 5.25 -33.34
C CYS A 209 11.34 5.46 -34.30
N ILE A 210 12.56 5.41 -33.77
CA ILE A 210 13.74 5.53 -34.62
C ILE A 210 13.73 4.46 -35.71
N GLN A 211 13.42 3.22 -35.33
CA GLN A 211 13.37 2.18 -36.35
C GLN A 211 12.25 2.43 -37.35
N GLN A 212 11.19 3.13 -36.94
CA GLN A 212 10.11 3.45 -37.86
C GLN A 212 10.38 4.68 -38.72
N GLY A 213 11.55 5.32 -38.56
CA GLY A 213 11.96 6.42 -39.40
C GLY A 213 12.10 7.77 -38.73
N TRP A 214 11.84 7.87 -37.43
CA TRP A 214 12.01 9.13 -36.71
C TRP A 214 13.47 9.55 -36.63
N LYS A 215 13.72 10.84 -36.86
CA LYS A 215 15.06 11.42 -36.71
C LYS A 215 15.14 12.11 -35.36
N PRO A 216 15.80 11.52 -34.37
CA PRO A 216 15.78 12.09 -33.02
C PRO A 216 16.72 13.29 -32.90
N PRO A 217 16.31 14.31 -32.14
CA PRO A 217 17.27 15.37 -31.76
C PRO A 217 18.34 14.89 -30.79
N ARG A 218 18.11 13.77 -30.09
CA ARG A 218 19.04 13.26 -29.08
C ARG A 218 19.31 14.35 -28.03
N GLY A 219 18.23 14.74 -27.34
CA GLY A 219 18.31 15.69 -26.25
C GLY A 219 17.68 15.12 -25.00
N ARG A 220 17.65 15.95 -23.96
CA ARG A 220 17.15 15.51 -22.67
C ARG A 220 15.62 15.40 -22.64
N PHE A 221 14.95 16.30 -23.36
CA PHE A 221 13.50 16.41 -23.33
C PHE A 221 12.97 16.58 -24.75
N ASP A 222 13.19 15.54 -25.56
CA ASP A 222 12.61 15.43 -26.90
C ASP A 222 11.23 14.81 -26.79
N VAL A 223 10.18 15.58 -27.11
CA VAL A 223 8.83 15.04 -27.14
C VAL A 223 8.78 13.94 -28.20
N LEU A 224 8.33 12.76 -27.80
CA LEU A 224 8.26 11.67 -28.75
C LEU A 224 7.23 11.95 -29.83
N PRO A 225 7.35 11.32 -30.99
CA PRO A 225 6.30 11.47 -32.02
C PRO A 225 5.15 10.51 -31.76
N LEU A 226 4.00 10.82 -32.35
CA LEU A 226 2.89 9.90 -32.23
C LEU A 226 3.08 8.74 -33.21
N LEU A 227 2.70 7.54 -32.78
CA LEU A 227 2.79 6.33 -33.60
C LEU A 227 1.39 5.74 -33.60
N LEU A 228 0.71 5.91 -34.73
CA LEU A 228 -0.74 5.78 -34.80
C LEU A 228 -1.11 4.71 -35.83
N GLN A 229 -1.90 3.74 -35.39
CA GLN A 229 -2.38 2.65 -36.23
C GLN A 229 -3.89 2.78 -36.36
N ALA A 230 -4.38 2.81 -37.59
CA ALA A 230 -5.81 2.84 -37.86
C ALA A 230 -6.20 1.62 -38.66
N ASN A 231 -7.32 1.02 -38.28
CA ASN A 231 -7.94 -0.06 -39.07
C ASN A 231 -6.98 -1.22 -39.30
N GLY A 232 -6.09 -1.47 -38.35
CA GLY A 232 -5.15 -2.56 -38.46
C GLY A 232 -4.02 -2.37 -39.46
N ASN A 233 -3.86 -1.18 -40.04
CA ASN A 233 -2.73 -0.93 -40.91
C ASN A 233 -1.46 -0.71 -40.10
N ASP A 234 -0.32 -0.78 -40.78
CA ASP A 234 0.93 -0.45 -40.13
C ASP A 234 0.85 0.96 -39.55
N PRO A 235 1.42 1.19 -38.37
CA PRO A 235 1.35 2.52 -37.78
C PRO A 235 2.18 3.53 -38.55
N GLU A 236 1.90 4.80 -38.27
CA GLU A 236 2.57 5.88 -38.98
C GLU A 236 2.97 6.95 -37.98
N LEU A 237 4.06 7.64 -38.29
CA LEU A 237 4.63 8.66 -37.42
C LEU A 237 4.13 10.07 -37.74
N PHE A 238 3.88 10.85 -36.69
CA PHE A 238 3.47 12.25 -36.79
C PHE A 238 4.09 13.06 -35.67
N GLN A 239 4.56 14.26 -35.98
CA GLN A 239 5.04 15.16 -34.96
C GLN A 239 3.88 15.97 -34.39
N ILE A 240 3.73 15.95 -33.07
CA ILE A 240 2.83 16.90 -32.40
C ILE A 240 3.36 18.31 -32.63
N PRO A 241 2.54 19.29 -33.00
CA PRO A 241 3.05 20.66 -33.10
C PRO A 241 3.54 21.14 -31.74
N PRO A 242 4.80 21.56 -31.64
CA PRO A 242 5.37 21.85 -30.32
C PRO A 242 4.63 22.93 -29.56
N GLU A 243 3.91 23.81 -30.26
CA GLU A 243 3.12 24.84 -29.60
C GLU A 243 1.91 24.25 -28.89
N LEU A 244 1.54 23.02 -29.20
CA LEU A 244 0.48 22.35 -28.47
C LEU A 244 0.96 21.67 -27.18
N VAL A 245 2.26 21.52 -26.97
CA VAL A 245 2.82 20.80 -25.83
C VAL A 245 3.19 21.84 -24.79
N LEU A 246 2.35 21.99 -23.77
CA LEU A 246 2.62 22.96 -22.72
C LEU A 246 3.60 22.32 -21.72
N GLU A 247 4.62 23.09 -21.33
CA GLU A 247 5.70 22.59 -20.50
C GLU A 247 5.98 23.54 -19.34
N VAL A 248 6.54 23.00 -18.27
CA VAL A 248 6.82 23.75 -17.05
C VAL A 248 8.28 23.53 -16.65
N PRO A 249 9.13 24.57 -16.63
CA PRO A 249 10.47 24.41 -16.06
C PRO A 249 10.42 24.26 -14.55
N ILE A 250 11.21 23.33 -14.03
CA ILE A 250 11.17 23.03 -12.60
C ILE A 250 12.17 23.92 -11.88
N ARG A 251 11.66 24.77 -10.99
CA ARG A 251 12.48 25.64 -10.15
C ARG A 251 12.02 25.49 -8.70
N HIS A 252 12.81 26.05 -7.78
CA HIS A 252 12.55 25.84 -6.36
C HIS A 252 12.37 27.17 -5.64
N PRO A 253 11.36 27.29 -4.79
CA PRO A 253 11.13 28.59 -4.11
C PRO A 253 12.31 29.06 -3.26
N LYS A 254 13.06 28.15 -2.64
CA LYS A 254 14.17 28.54 -1.78
C LYS A 254 15.53 28.30 -2.43
N PHE A 255 15.70 27.22 -3.16
CA PHE A 255 17.00 26.85 -3.71
C PHE A 255 17.16 27.49 -5.09
N GLU A 256 17.99 28.54 -5.16
CA GLU A 256 18.29 29.18 -6.43
C GLU A 256 18.92 28.20 -7.41
N TRP A 257 19.72 27.26 -6.91
CA TRP A 257 20.47 26.38 -7.79
C TRP A 257 19.59 25.35 -8.48
N PHE A 258 18.34 25.18 -8.02
CA PHE A 258 17.51 24.10 -8.55
C PHE A 258 17.17 24.31 -10.02
N LYS A 259 17.05 25.57 -10.45
CA LYS A 259 16.82 25.81 -11.88
C LYS A 259 18.01 25.35 -12.70
N ASP A 260 19.23 25.46 -12.16
CA ASP A 260 20.42 25.07 -12.89
C ASP A 260 20.46 23.57 -13.20
N LEU A 261 19.59 22.77 -12.59
CA LEU A 261 19.44 21.37 -13.01
C LEU A 261 18.87 21.25 -14.42
N GLY A 262 18.21 22.29 -14.91
CA GLY A 262 17.67 22.28 -16.25
C GLY A 262 16.47 21.39 -16.47
N LEU A 263 15.71 21.08 -15.42
CA LEU A 263 14.59 20.16 -15.53
C LEU A 263 13.33 20.88 -15.99
N LYS A 264 12.54 20.18 -16.78
CA LYS A 264 11.19 20.61 -17.13
C LYS A 264 10.31 19.38 -17.26
N TRP A 265 8.99 19.60 -17.24
CA TRP A 265 8.05 18.53 -17.49
C TRP A 265 6.86 19.09 -18.24
N TYR A 266 6.13 18.21 -18.92
CA TYR A 266 4.97 18.62 -19.67
C TYR A 266 3.75 18.66 -18.76
N GLY A 267 2.75 19.44 -19.15
CA GLY A 267 1.64 19.70 -18.24
C GLY A 267 0.55 18.65 -18.28
N LEU A 268 0.41 17.93 -19.39
CA LEU A 268 -0.81 17.19 -19.69
C LEU A 268 -0.58 15.70 -19.63
N PRO A 269 -1.02 15.03 -18.56
CA PRO A 269 -0.84 13.57 -18.50
C PRO A 269 -1.97 12.92 -19.28
N ALA A 270 -1.61 12.06 -20.22
CA ALA A 270 -2.58 11.66 -21.25
C ALA A 270 -2.27 10.23 -21.65
N VAL A 271 -2.90 9.29 -20.95
CA VAL A 271 -2.59 7.87 -21.11
C VAL A 271 -3.32 7.30 -22.31
N SER A 272 -2.60 6.54 -23.13
CA SER A 272 -3.09 6.22 -24.47
C SER A 272 -2.94 4.76 -24.85
N ASN A 273 -2.46 3.89 -23.95
CA ASN A 273 -2.27 2.47 -24.25
C ASN A 273 -3.29 1.58 -23.56
N MET A 274 -4.38 2.13 -23.05
CA MET A 274 -5.36 1.31 -22.35
C MET A 274 -6.58 1.06 -23.22
N LEU A 275 -7.35 0.06 -22.82
CA LEU A 275 -8.53 -0.37 -23.56
C LEU A 275 -9.78 -0.07 -22.77
N LEU A 276 -10.78 0.51 -23.44
CA LEU A 276 -12.05 0.86 -22.83
C LEU A 276 -13.09 -0.19 -23.18
N GLU A 277 -13.70 -0.80 -22.17
CA GLU A 277 -14.68 -1.85 -22.38
C GLU A 277 -16.05 -1.33 -21.99
N ILE A 278 -16.96 -1.23 -22.97
CA ILE A 278 -18.34 -0.82 -22.69
C ILE A 278 -19.28 -1.84 -23.33
N GLY A 279 -20.17 -2.41 -22.51
CA GLY A 279 -21.18 -3.32 -23.04
C GLY A 279 -20.60 -4.49 -23.84
N GLY A 280 -19.39 -4.90 -23.51
CA GLY A 280 -18.72 -5.94 -24.27
C GLY A 280 -17.99 -5.44 -25.51
N LEU A 281 -18.13 -4.17 -25.87
CA LEU A 281 -17.39 -3.60 -26.98
C LEU A 281 -16.03 -3.15 -26.51
N GLU A 282 -15.03 -3.27 -27.39
CA GLU A 282 -13.63 -3.02 -27.05
C GLU A 282 -13.10 -1.85 -27.86
N PHE A 283 -12.83 -0.75 -27.20
CA PHE A 283 -12.23 0.42 -27.83
C PHE A 283 -10.73 0.40 -27.48
N SER A 284 -9.92 -0.11 -28.41
CA SER A 284 -8.50 -0.30 -28.20
C SER A 284 -7.71 1.00 -28.34
N ALA A 285 -8.36 2.09 -28.72
CA ALA A 285 -7.70 3.38 -28.81
C ALA A 285 -8.67 4.41 -28.24
N CYS A 286 -8.31 4.95 -27.09
CA CYS A 286 -9.15 5.80 -26.26
C CYS A 286 -8.29 6.68 -25.36
N PRO A 287 -7.36 7.47 -25.91
CA PRO A 287 -6.53 8.31 -25.05
C PRO A 287 -7.36 9.22 -24.15
N PHE A 288 -6.99 9.27 -22.88
CA PHE A 288 -7.71 10.08 -21.93
C PHE A 288 -6.71 10.83 -21.06
N SER A 289 -7.15 11.95 -20.52
CA SER A 289 -6.23 12.85 -19.86
C SER A 289 -6.94 13.59 -18.74
N GLY A 290 -6.15 14.00 -17.76
CA GLY A 290 -6.59 14.90 -16.71
C GLY A 290 -5.49 15.90 -16.42
N TRP A 291 -5.09 15.98 -15.14
CA TRP A 291 -3.96 16.78 -14.68
C TRP A 291 -3.20 15.96 -13.64
N TYR A 292 -1.95 16.36 -13.36
CA TYR A 292 -1.06 15.58 -12.52
C TYR A 292 -1.30 15.79 -11.03
N MET A 293 -1.20 14.72 -10.27
CA MET A 293 -0.77 14.83 -8.88
C MET A 293 0.75 15.04 -8.90
N GLY A 294 1.26 15.91 -8.02
CA GLY A 294 2.68 16.26 -8.07
C GLY A 294 3.61 15.06 -7.98
N THR A 295 3.30 14.12 -7.09
CA THR A 295 4.18 12.98 -6.86
C THR A 295 4.33 12.11 -8.11
N GLU A 296 3.43 12.25 -9.07
CA GLU A 296 3.57 11.48 -10.31
C GLU A 296 4.78 11.94 -11.11
N ILE A 297 5.16 13.21 -10.94
N ILE A 297 5.08 13.24 -11.12
CA ILE A 297 6.39 13.75 -11.50
CA ILE A 297 5.99 13.76 -12.15
C ILE A 297 7.48 13.84 -10.45
C ILE A 297 7.35 13.13 -11.97
N GLY A 298 7.14 14.23 -9.22
N GLY A 298 7.79 12.37 -12.98
CA GLY A 298 8.13 14.54 -8.22
CA GLY A 298 8.93 11.47 -12.87
C GLY A 298 8.77 13.32 -7.60
C GLY A 298 10.27 12.05 -13.24
N VAL A 299 7.99 12.28 -7.38
N VAL A 299 10.50 13.31 -12.86
CA VAL A 299 8.51 11.04 -6.81
CA VAL A 299 11.77 13.95 -13.18
C VAL A 299 8.88 10.04 -7.89
C VAL A 299 12.92 13.43 -12.31
N ARG A 300 7.94 9.74 -8.80
N ARG A 300 12.62 12.79 -11.18
CA ARG A 300 8.14 8.62 -9.71
CA ARG A 300 13.68 12.39 -10.24
C ARG A 300 8.98 9.01 -10.91
C ARG A 300 14.55 11.27 -10.78
N ASP A 301 8.47 9.95 -11.74
N ASP A 301 14.12 10.55 -11.82
CA ASP A 301 9.19 10.37 -12.95
CA ASP A 301 14.89 9.45 -12.39
C ASP A 301 10.62 10.83 -12.67
C ASP A 301 15.80 9.89 -13.53
N TYR A 302 10.93 11.26 -11.45
N TYR A 302 15.72 11.14 -13.96
CA TYR A 302 12.20 11.92 -11.16
CA TYR A 302 16.67 11.66 -14.94
C TYR A 302 13.11 11.17 -10.20
C TYR A 302 18.08 11.65 -14.39
N CYS A 303 12.57 10.40 -9.26
N CYS A 303 19.05 11.43 -15.27
CA CYS A 303 13.39 9.83 -8.18
CA CYS A 303 20.45 11.49 -14.90
C CYS A 303 13.51 8.32 -8.21
C CYS A 303 20.96 12.93 -15.06
N ASP A 304 12.63 7.61 -8.93
N ASP A 304 21.50 13.48 -13.98
CA ASP A 304 12.83 6.19 -9.13
CA ASP A 304 22.18 14.77 -14.13
C ASP A 304 14.21 5.94 -9.74
C ASP A 304 23.54 14.59 -14.79
N ASN A 305 14.80 4.80 -9.39
N ASN A 305 24.25 13.52 -14.44
CA ASN A 305 16.13 4.46 -9.89
CA ASN A 305 25.60 13.27 -14.95
C ASN A 305 16.17 4.45 -11.41
C ASN A 305 26.07 11.87 -14.60
N SER A 306 15.32 3.64 -12.03
N SER A 306 26.35 11.06 -15.62
CA SER A 306 15.23 3.57 -13.48
CA SER A 306 26.90 9.72 -15.45
C SER A 306 14.40 4.70 -14.09
C SER A 306 26.08 8.87 -14.49
N ARG A 307 14.50 5.90 -13.53
N ARG A 307 26.57 8.73 -13.25
CA ARG A 307 13.97 7.11 -14.17
CA ARG A 307 25.97 7.83 -12.28
C ARG A 307 15.06 8.18 -14.23
C ARG A 307 25.06 8.55 -11.29
N TYR A 308 14.70 9.45 -14.00
N TYR A 308 24.88 9.86 -11.42
CA TYR A 308 15.67 10.52 -14.19
CA TYR A 308 24.12 10.62 -10.44
C TYR A 308 16.76 10.51 -13.12
C TYR A 308 22.79 11.04 -11.06
N ASN A 309 16.43 10.10 -11.89
N ASN A 309 21.71 10.49 -10.52
CA ASN A 309 17.44 9.76 -10.88
CA ASN A 309 20.37 10.84 -10.94
C ASN A 309 18.29 10.96 -10.48
C ASN A 309 19.97 12.15 -10.25
N ILE A 310 17.65 12.13 -10.36
N ILE A 310 18.69 12.50 -10.36
CA ILE A 310 18.34 13.34 -9.92
CA ILE A 310 18.23 13.77 -9.77
C ILE A 310 18.40 13.45 -8.41
C ILE A 310 18.18 13.68 -8.26
N LEU A 311 17.71 12.54 -7.70
CA LEU A 311 17.78 12.39 -6.26
C LEU A 311 19.19 12.63 -5.73
N GLU A 312 20.16 11.91 -6.28
CA GLU A 312 21.54 12.02 -5.81
C GLU A 312 22.07 13.43 -6.01
N GLU A 313 21.82 14.01 -7.19
CA GLU A 313 22.31 15.36 -7.48
C GLU A 313 21.68 16.40 -6.55
N VAL A 314 20.38 16.29 -6.29
CA VAL A 314 19.74 17.26 -5.40
C VAL A 314 20.33 17.17 -4.00
N ALA A 315 20.45 15.94 -3.47
CA ALA A 315 21.07 15.75 -2.17
C ALA A 315 22.50 16.30 -2.16
N LYS A 316 23.21 16.17 -3.27
CA LYS A 316 24.57 16.71 -3.35
C LYS A 316 24.56 18.23 -3.22
N LYS A 317 23.65 18.89 -3.94
CA LYS A 317 23.56 20.35 -3.88
C LYS A 317 22.98 20.84 -2.56
N MET A 318 22.21 20.00 -1.85
CA MET A 318 21.77 20.31 -0.50
C MET A 318 22.85 20.01 0.55
N ASN A 319 23.98 19.45 0.15
CA ASN A 319 25.08 19.11 1.05
C ASN A 319 24.58 18.27 2.24
N LEU A 320 23.91 17.17 1.90
CA LEU A 320 23.47 16.18 2.86
C LEU A 320 24.50 15.07 2.95
N ASP A 321 24.62 14.45 4.12
CA ASP A 321 25.49 13.28 4.24
C ASP A 321 24.85 12.09 3.53
N MET A 322 25.50 11.60 2.48
CA MET A 322 24.97 10.50 1.69
C MET A 322 25.69 9.18 1.95
N ARG A 323 26.55 9.13 2.97
CA ARG A 323 27.29 7.91 3.28
C ARG A 323 26.45 6.85 4.01
N LYS A 324 25.38 7.24 4.70
CA LYS A 324 24.53 6.26 5.37
C LYS A 324 23.06 6.59 5.16
N THR A 325 22.25 5.55 4.93
CA THR A 325 20.83 5.75 4.64
C THR A 325 20.10 6.42 5.80
N SER A 326 20.53 6.12 7.04
CA SER A 326 19.83 6.57 8.23
C SER A 326 19.89 8.08 8.44
N SER A 327 20.74 8.79 7.70
CA SER A 327 20.60 10.24 7.65
C SER A 327 19.35 10.69 6.91
N LEU A 328 18.66 9.78 6.22
CA LEU A 328 17.43 10.09 5.50
C LEU A 328 17.65 11.18 4.44
N TRP A 329 18.82 11.15 3.81
CA TRP A 329 19.12 12.15 2.79
C TRP A 329 18.22 11.95 1.57
N LYS A 330 17.93 10.69 1.22
CA LYS A 330 17.00 10.41 0.14
C LYS A 330 15.63 10.99 0.44
N ASP A 331 15.14 10.79 1.66
CA ASP A 331 13.82 11.29 2.02
C ASP A 331 13.77 12.80 1.91
N GLN A 332 14.80 13.48 2.44
CA GLN A 332 14.83 14.93 2.45
C GLN A 332 14.88 15.48 1.05
N ALA A 333 15.71 14.89 0.19
CA ALA A 333 15.83 15.36 -1.19
C ALA A 333 14.54 15.16 -1.98
N LEU A 334 13.84 14.05 -1.71
CA LEU A 334 12.59 13.76 -2.40
C LEU A 334 11.50 14.76 -2.06
N VAL A 335 11.48 15.25 -0.82
CA VAL A 335 10.51 16.27 -0.43
C VAL A 335 10.77 17.57 -1.18
N GLU A 336 12.03 17.97 -1.28
CA GLU A 336 12.36 19.24 -1.92
C GLU A 336 12.06 19.21 -3.40
N ILE A 337 12.41 18.11 -4.07
CA ILE A 337 12.02 17.90 -5.46
C ILE A 337 10.52 18.05 -5.61
N ASN A 338 9.76 17.43 -4.69
CA ASN A 338 8.31 17.49 -4.82
C ASN A 338 7.76 18.88 -4.51
N ILE A 339 8.47 19.63 -3.65
CA ILE A 339 8.10 21.02 -3.42
C ILE A 339 8.31 21.83 -4.69
N ALA A 340 9.49 21.67 -5.32
CA ALA A 340 9.79 22.47 -6.53
C ALA A 340 8.79 22.18 -7.64
N VAL A 341 8.36 20.92 -7.77
CA VAL A 341 7.45 20.56 -8.85
C VAL A 341 6.10 21.22 -8.66
N LEU A 342 5.58 21.24 -7.44
CA LEU A 342 4.31 21.92 -7.18
C LEU A 342 4.46 23.42 -7.31
N TYR A 343 5.58 23.97 -6.83
CA TYR A 343 5.83 25.40 -6.95
C TYR A 343 5.88 25.85 -8.40
N SER A 344 6.43 25.02 -9.29
CA SER A 344 6.61 25.44 -10.68
C SER A 344 5.30 25.43 -11.43
N PHE A 345 4.53 24.34 -11.32
CA PHE A 345 3.23 24.27 -11.98
C PHE A 345 2.30 25.38 -11.50
N GLN A 346 2.28 25.66 -10.20
CA GLN A 346 1.41 26.71 -9.68
C GLN A 346 1.87 28.09 -10.12
N SER A 347 3.18 28.33 -10.13
CA SER A 347 3.71 29.62 -10.55
C SER A 347 3.34 29.92 -12.00
N ASP A 348 3.32 28.88 -12.85
CA ASP A 348 2.98 29.02 -14.26
C ASP A 348 1.49 28.82 -14.50
N LYS A 349 0.71 28.73 -13.43
CA LYS A 349 -0.74 28.55 -13.49
C LYS A 349 -1.13 27.36 -14.34
N VAL A 350 -0.41 26.26 -14.17
CA VAL A 350 -0.79 25.00 -14.79
C VAL A 350 -1.43 24.14 -13.71
N THR A 351 -2.60 23.59 -14.03
CA THR A 351 -3.33 22.76 -13.09
C THR A 351 -2.47 21.62 -12.55
N ILE A 352 -2.45 21.48 -11.22
CA ILE A 352 -1.76 20.40 -10.54
C ILE A 352 -2.39 20.28 -9.16
N VAL A 353 -2.26 19.11 -8.55
CA VAL A 353 -2.82 18.87 -7.22
C VAL A 353 -1.76 18.17 -6.38
N ASP A 354 -1.58 18.61 -5.15
CA ASP A 354 -0.67 17.91 -4.25
C ASP A 354 -1.35 16.66 -3.70
N HIS A 355 -0.53 15.79 -3.09
CA HIS A 355 -1.07 14.52 -2.62
C HIS A 355 -1.97 14.70 -1.41
N HIS A 356 -1.73 15.72 -0.59
CA HIS A 356 -2.61 15.97 0.56
C HIS A 356 -4.01 16.33 0.10
N SER A 357 -4.11 17.28 -0.84
CA SER A 357 -5.41 17.69 -1.34
CA SER A 357 -5.42 17.69 -1.33
C SER A 357 -6.10 16.56 -2.10
N ALA A 358 -5.34 15.83 -2.91
CA ALA A 358 -5.96 14.79 -3.75
C ALA A 358 -6.58 13.71 -2.88
N THR A 359 -5.83 13.20 -1.90
CA THR A 359 -6.35 12.13 -1.09
C THR A 359 -7.49 12.60 -0.20
N GLU A 360 -7.42 13.85 0.28
CA GLU A 360 -8.55 14.37 1.04
C GLU A 360 -9.79 14.42 0.16
N SER A 361 -9.65 14.86 -1.09
CA SER A 361 -10.80 14.88 -2.00
C SER A 361 -11.32 13.47 -2.25
N PHE A 362 -10.41 12.51 -2.43
CA PHE A 362 -10.85 11.14 -2.68
C PHE A 362 -11.61 10.56 -1.49
N ILE A 363 -11.19 10.88 -0.27
CA ILE A 363 -11.97 10.37 0.86
C ILE A 363 -13.37 10.95 0.82
N LYS A 364 -13.49 12.26 0.56
CA LYS A 364 -14.79 12.88 0.43
C LYS A 364 -15.60 12.23 -0.68
N HIS A 365 -14.94 11.92 -1.79
CA HIS A 365 -15.61 11.28 -2.92
C HIS A 365 -16.05 9.87 -2.55
N MET A 366 -15.15 9.11 -1.94
CA MET A 366 -15.48 7.74 -1.58
C MET A 366 -16.68 7.68 -0.63
N GLU A 367 -16.74 8.59 0.35
CA GLU A 367 -17.88 8.62 1.25
C GLU A 367 -19.17 8.94 0.50
N ASN A 368 -19.12 9.90 -0.43
CA ASN A 368 -20.31 10.19 -1.23
C ASN A 368 -20.77 8.98 -2.04
N GLU A 369 -19.82 8.26 -2.65
CA GLU A 369 -20.14 7.09 -3.47
C GLU A 369 -20.77 5.98 -2.64
N TYR A 370 -20.22 5.70 -1.46
CA TYR A 370 -20.87 4.73 -0.57
C TYR A 370 -22.27 5.20 -0.23
N ARG A 371 -22.44 6.52 -0.05
CA ARG A 371 -23.73 7.08 0.31
C ARG A 371 -24.74 6.97 -0.83
N CYS A 372 -24.37 7.43 -2.03
CA CYS A 372 -25.29 7.56 -3.14
CA CYS A 372 -25.34 7.52 -3.09
C CYS A 372 -25.26 6.39 -4.11
N ARG A 373 -24.20 5.58 -4.09
CA ARG A 373 -24.05 4.50 -5.06
C ARG A 373 -23.99 3.10 -4.42
N GLY A 374 -23.84 3.02 -3.10
CA GLY A 374 -23.73 1.73 -2.44
C GLY A 374 -22.33 1.20 -2.34
N GLY A 375 -21.33 1.96 -2.78
CA GLY A 375 -19.95 1.55 -2.66
C GLY A 375 -19.07 2.35 -3.59
N CYS A 376 -17.77 2.07 -3.49
CA CYS A 376 -16.75 2.66 -4.36
C CYS A 376 -15.50 1.78 -4.43
N PRO A 377 -15.30 1.03 -5.51
CA PRO A 377 -14.10 0.18 -5.59
C PRO A 377 -12.83 1.01 -5.52
N ALA A 378 -11.86 0.54 -4.71
CA ALA A 378 -10.62 1.28 -4.52
C ALA A 378 -9.45 0.35 -4.22
N ASP A 379 -8.32 0.66 -4.84
CA ASP A 379 -7.11 -0.12 -4.78
C ASP A 379 -6.11 0.63 -3.90
N TRP A 380 -6.14 0.33 -2.59
CA TRP A 380 -5.30 1.02 -1.61
C TRP A 380 -3.85 1.05 -2.05
N VAL A 381 -3.37 -0.05 -2.61
CA VAL A 381 -1.98 -0.18 -3.06
C VAL A 381 -1.61 0.92 -4.05
N TRP A 382 -2.58 1.39 -4.84
CA TRP A 382 -2.35 2.46 -5.80
C TRP A 382 -2.89 3.80 -5.35
N ILE A 383 -3.94 3.82 -4.51
CA ILE A 383 -4.54 5.06 -4.04
C ILE A 383 -3.60 5.80 -3.09
N VAL A 384 -2.86 5.05 -2.27
CA VAL A 384 -1.97 5.70 -1.30
C VAL A 384 -0.76 6.25 -2.03
N PRO A 385 -0.35 7.50 -1.78
CA PRO A 385 0.70 8.15 -2.60
C PRO A 385 2.08 7.60 -2.31
N PRO A 386 3.01 7.73 -3.25
CA PRO A 386 4.34 7.11 -3.09
C PRO A 386 5.24 7.80 -2.07
N MET A 387 4.77 8.82 -1.37
CA MET A 387 5.53 9.42 -0.27
C MET A 387 4.54 9.86 0.79
N SER A 388 5.00 9.87 2.04
CA SER A 388 4.23 10.41 3.17
C SER A 388 2.88 9.73 3.31
N GLY A 389 2.81 8.44 2.97
CA GLY A 389 1.51 7.77 2.92
C GLY A 389 0.68 7.95 4.17
N SER A 390 1.27 7.63 5.33
CA SER A 390 0.51 7.58 6.58
C SER A 390 0.00 8.94 7.04
N ILE A 391 0.52 10.05 6.52
CA ILE A 391 0.00 11.35 6.90
C ILE A 391 -1.00 11.89 5.89
N THR A 392 -1.46 11.06 4.95
CA THR A 392 -2.58 11.33 4.04
C THR A 392 -3.79 10.53 4.51
N PRO A 393 -5.02 11.01 4.28
CA PRO A 393 -6.20 10.35 4.88
C PRO A 393 -6.54 8.98 4.32
N VAL A 394 -5.95 8.56 3.20
CA VAL A 394 -6.30 7.26 2.63
C VAL A 394 -5.52 6.12 3.27
N PHE A 395 -4.36 6.39 3.87
CA PHE A 395 -3.60 5.34 4.54
C PHE A 395 -4.45 4.59 5.56
N HIS A 396 -5.18 5.33 6.40
CA HIS A 396 -5.95 4.70 7.47
C HIS A 396 -7.33 4.25 7.05
N GLN A 397 -7.67 4.40 5.77
CA GLN A 397 -8.99 4.07 5.24
C GLN A 397 -8.98 2.65 4.68
N GLU A 398 -9.83 1.79 5.21
CA GLU A 398 -10.02 0.48 4.60
C GLU A 398 -10.77 0.64 3.28
N MET A 399 -10.48 -0.25 2.34
CA MET A 399 -11.06 -0.19 1.02
C MET A 399 -11.43 -1.59 0.56
N LEU A 400 -12.42 -1.65 -0.31
CA LEU A 400 -12.78 -2.87 -1.03
C LEU A 400 -12.39 -2.66 -2.48
N ASN A 401 -11.75 -3.66 -3.06
CA ASN A 401 -11.35 -3.60 -4.46
C ASN A 401 -12.16 -4.61 -5.24
N TYR A 402 -12.79 -4.16 -6.32
CA TYR A 402 -13.53 -5.08 -7.17
C TYR A 402 -13.71 -4.42 -8.53
N ARG A 403 -13.97 -5.23 -9.54
CA ARG A 403 -13.94 -4.76 -10.92
C ARG A 403 -15.37 -4.60 -11.42
N LEU A 404 -15.76 -3.35 -11.68
CA LEU A 404 -17.03 -3.01 -12.31
C LEU A 404 -16.83 -2.66 -13.77
N THR A 405 -17.87 -2.90 -14.56
CA THR A 405 -17.87 -2.51 -15.96
CA THR A 405 -17.87 -2.51 -15.96
C THR A 405 -18.96 -1.47 -16.20
N PRO A 406 -18.73 -0.51 -17.13
CA PRO A 406 -17.59 -0.21 -18.00
C PRO A 406 -16.25 0.00 -17.29
N SER A 407 -15.15 -0.33 -17.94
CA SER A 407 -13.84 -0.27 -17.30
C SER A 407 -12.74 0.05 -18.31
N PHE A 408 -11.65 0.60 -17.79
CA PHE A 408 -10.37 0.67 -18.48
C PHE A 408 -9.56 -0.57 -18.13
N GLU A 409 -8.99 -1.22 -19.15
CA GLU A 409 -8.27 -2.47 -18.98
C GLU A 409 -6.90 -2.36 -19.62
N TYR A 410 -6.00 -3.21 -19.16
CA TYR A 410 -4.71 -3.28 -19.83
C TYR A 410 -4.84 -4.06 -21.14
N GLN A 411 -3.90 -3.81 -22.03
CA GLN A 411 -3.79 -4.56 -23.27
C GLN A 411 -2.31 -4.73 -23.58
N PRO A 412 -1.94 -5.83 -24.23
CA PRO A 412 -0.54 -6.00 -24.66
C PRO A 412 -0.10 -4.87 -25.57
N ASP A 413 1.20 -4.62 -25.56
CA ASP A 413 1.75 -3.62 -26.46
C ASP A 413 1.56 -4.05 -27.90
N PRO A 414 1.29 -3.11 -28.81
CA PRO A 414 0.90 -3.51 -30.17
C PRO A 414 2.05 -4.09 -30.98
N TRP A 415 3.30 -3.67 -30.73
CA TRP A 415 4.41 -4.25 -31.47
C TRP A 415 4.60 -5.74 -31.19
N ASN A 416 3.99 -6.25 -30.12
CA ASN A 416 4.13 -7.68 -29.86
C ASN A 416 3.14 -8.50 -30.65
N THR A 417 2.04 -7.91 -31.09
CA THR A 417 0.94 -8.63 -31.71
C THR A 417 0.67 -8.22 -33.15
N HIS A 418 1.22 -7.10 -33.60
CA HIS A 418 0.87 -6.57 -34.91
C HIS A 418 1.47 -7.41 -36.03
N VAL A 419 0.64 -7.75 -37.01
CA VAL A 419 1.09 -8.39 -38.25
C VAL A 419 1.43 -7.28 -39.23
N TRP A 420 2.71 -7.17 -39.60
CA TRP A 420 3.14 -6.09 -40.47
C TRP A 420 2.67 -6.33 -41.91
N LYS A 421 2.23 -5.26 -42.57
CA LYS A 421 1.78 -5.39 -43.95
C LYS A 421 2.98 -5.50 -44.87
N ARG B 3 -1.37 -24.38 -8.89
CA ARG B 3 -0.46 -23.83 -9.90
C ARG B 3 0.56 -22.88 -9.26
N PHE B 4 1.77 -22.84 -9.81
CA PHE B 4 2.80 -21.94 -9.33
C PHE B 4 2.42 -20.50 -9.66
N LEU B 5 2.98 -19.55 -8.92
CA LEU B 5 2.69 -18.15 -9.18
C LEU B 5 3.98 -17.35 -9.17
N LYS B 6 4.06 -16.37 -10.07
CA LYS B 6 5.24 -15.52 -10.18
C LYS B 6 5.00 -14.19 -9.51
N VAL B 7 6.06 -13.64 -8.92
CA VAL B 7 6.09 -12.27 -8.42
C VAL B 7 7.28 -11.60 -9.09
N LYS B 8 7.07 -10.40 -9.59
CA LYS B 8 8.12 -9.68 -10.28
C LYS B 8 8.51 -8.46 -9.46
N ASN B 9 9.80 -8.15 -9.49
CA ASN B 9 10.29 -6.86 -9.03
C ASN B 9 10.43 -5.97 -10.25
N TRP B 10 9.73 -4.85 -10.26
CA TRP B 10 9.71 -4.00 -11.44
C TRP B 10 10.91 -3.07 -11.52
N GLU B 11 11.69 -2.97 -10.45
CA GLU B 11 12.95 -2.21 -10.48
C GLU B 11 14.08 -3.05 -11.06
N THR B 12 14.21 -4.30 -10.60
CA THR B 12 15.31 -5.16 -10.98
C THR B 12 14.94 -6.20 -12.03
N GLU B 13 13.65 -6.34 -12.34
CA GLU B 13 13.11 -7.35 -13.26
C GLU B 13 13.31 -8.78 -12.76
N VAL B 14 13.80 -8.96 -11.53
CA VAL B 14 13.89 -10.29 -10.94
C VAL B 14 12.50 -10.87 -10.76
N VAL B 15 12.35 -12.15 -11.11
CA VAL B 15 11.08 -12.86 -11.06
C VAL B 15 11.26 -14.08 -10.18
N LEU B 16 10.40 -14.21 -9.16
CA LEU B 16 10.43 -15.34 -8.23
C LEU B 16 9.18 -16.19 -8.39
N THR B 17 9.34 -17.50 -8.19
CA THR B 17 8.26 -18.46 -8.37
C THR B 17 7.81 -18.98 -7.02
N ASP B 18 6.52 -18.83 -6.73
CA ASP B 18 5.98 -19.19 -5.43
C ASP B 18 5.27 -20.53 -5.53
N THR B 19 5.79 -21.51 -4.82
CA THR B 19 5.14 -22.78 -4.62
C THR B 19 4.61 -22.94 -3.21
N LEU B 20 5.10 -22.12 -2.29
CA LEU B 20 4.77 -22.28 -0.87
C LEU B 20 3.31 -21.99 -0.59
N HIS B 21 2.67 -21.16 -1.42
CA HIS B 21 1.28 -20.80 -1.19
C HIS B 21 0.36 -22.01 -1.28
N LEU B 22 0.77 -23.07 -2.00
CA LEU B 22 -0.05 -24.27 -2.08
C LEU B 22 -0.19 -24.99 -0.75
N LYS B 23 0.62 -24.65 0.24
CA LYS B 23 0.61 -25.30 1.55
C LYS B 23 -0.23 -24.57 2.59
N SER B 24 -0.89 -23.47 2.23
CA SER B 24 -1.71 -22.75 3.18
C SER B 24 -3.14 -23.30 3.18
N THR B 25 -3.82 -23.15 4.33
CA THR B 25 -5.25 -23.42 4.38
C THR B 25 -6.01 -22.52 5.33
N LEU B 26 -5.36 -21.58 6.01
CA LEU B 26 -6.08 -20.47 6.64
C LEU B 26 -6.46 -19.45 5.56
N GLU B 27 -7.69 -18.94 5.64
CA GLU B 27 -8.19 -18.05 4.60
C GLU B 27 -7.65 -16.63 4.77
N THR B 28 -7.60 -15.90 3.66
CA THR B 28 -7.11 -14.52 3.66
C THR B 28 -8.20 -13.48 3.84
N GLY B 29 -9.45 -13.82 3.52
CA GLY B 29 -10.53 -12.86 3.54
C GLY B 29 -10.93 -12.33 2.18
N CYS B 30 -10.11 -12.55 1.14
CA CYS B 30 -10.50 -12.14 -0.20
C CYS B 30 -11.40 -13.19 -0.83
N THR B 31 -12.03 -12.79 -1.93
CA THR B 31 -12.74 -13.73 -2.78
C THR B 31 -12.29 -13.48 -4.20
N GLU B 32 -12.69 -14.37 -5.10
CA GLU B 32 -12.35 -14.22 -6.50
C GLU B 32 -12.88 -12.90 -7.05
N TYR B 33 -13.89 -12.32 -6.42
CA TYR B 33 -14.57 -11.13 -6.93
C TYR B 33 -14.30 -9.87 -6.13
N ILE B 34 -13.79 -9.99 -4.90
CA ILE B 34 -13.53 -8.84 -4.05
C ILE B 34 -12.19 -9.06 -3.35
N CYS B 35 -11.28 -8.10 -3.47
CA CYS B 35 -10.05 -8.13 -2.71
C CYS B 35 -10.23 -7.29 -1.44
N MET B 36 -9.84 -7.86 -0.29
CA MET B 36 -9.93 -7.19 0.99
C MET B 36 -8.55 -6.96 1.61
N GLY B 37 -7.53 -6.80 0.76
CA GLY B 37 -6.15 -6.71 1.21
C GLY B 37 -5.85 -5.50 2.09
N SER B 38 -6.76 -4.52 2.17
CA SER B 38 -6.55 -3.38 3.04
C SER B 38 -7.50 -3.35 4.24
N ILE B 39 -8.24 -4.43 4.48
CA ILE B 39 -9.02 -4.58 5.71
C ILE B 39 -8.09 -5.10 6.80
N MET B 40 -8.18 -4.54 8.00
CA MET B 40 -7.16 -4.91 9.00
C MET B 40 -7.42 -6.28 9.64
N HIS B 41 -8.67 -6.57 10.04
CA HIS B 41 -9.04 -7.90 10.52
C HIS B 41 -10.18 -8.44 9.65
N PRO B 42 -9.87 -9.13 8.54
CA PRO B 42 -10.92 -9.61 7.60
C PRO B 42 -11.66 -10.86 8.07
N SER B 43 -12.53 -10.67 9.06
CA SER B 43 -13.35 -11.75 9.62
C SER B 43 -12.51 -12.92 10.13
N GLU B 50 -16.23 -17.35 21.49
CA GLU B 50 -16.49 -18.63 20.85
C GLU B 50 -15.25 -19.53 20.85
N ASP B 51 -14.07 -18.92 20.75
CA ASP B 51 -12.82 -19.62 20.43
C ASP B 51 -12.43 -20.71 21.42
N VAL B 52 -12.94 -21.92 21.22
CA VAL B 52 -12.43 -23.11 21.88
C VAL B 52 -12.69 -24.31 20.97
N ALA B 53 -11.63 -25.04 20.62
CA ALA B 53 -11.70 -26.11 19.64
C ALA B 53 -11.88 -27.46 20.33
N THR B 54 -12.59 -28.35 19.64
CA THR B 54 -12.84 -29.70 20.11
C THR B 54 -11.72 -30.64 19.68
N LYS B 55 -11.69 -31.84 20.30
CA LYS B 55 -10.74 -32.86 19.90
C LYS B 55 -10.81 -33.16 18.41
N ASP B 56 -12.03 -33.17 17.87
CA ASP B 56 -12.25 -33.50 16.47
C ASP B 56 -11.45 -32.59 15.55
N GLN B 57 -11.50 -31.29 15.83
CA GLN B 57 -10.71 -30.34 15.06
C GLN B 57 -9.24 -30.36 15.45
N LEU B 58 -8.91 -30.82 16.67
CA LEU B 58 -7.57 -30.62 17.19
C LEU B 58 -6.54 -31.52 16.52
N PHE B 59 -6.79 -32.83 16.49
CA PHE B 59 -5.77 -33.76 16.00
C PHE B 59 -5.32 -33.46 14.56
N PRO B 60 -6.21 -33.21 13.59
CA PRO B 60 -5.72 -32.77 12.25
C PRO B 60 -4.72 -31.64 12.31
N LEU B 61 -5.06 -30.56 13.03
CA LEU B 61 -4.15 -29.43 13.15
C LEU B 61 -2.86 -29.82 13.86
N ALA B 62 -2.94 -30.64 14.91
CA ALA B 62 -1.75 -31.11 15.59
C ALA B 62 -0.91 -31.99 14.67
N LYS B 63 -1.55 -32.93 13.98
CA LYS B 63 -0.84 -33.81 13.07
C LYS B 63 -0.11 -33.02 12.00
N GLU B 64 -0.78 -32.02 11.42
CA GLU B 64 -0.15 -31.16 10.42
C GLU B 64 1.12 -30.52 10.95
N PHE B 65 1.07 -30.04 12.20
CA PHE B 65 2.22 -29.33 12.77
C PHE B 65 3.34 -30.29 13.14
N ILE B 66 3.01 -31.44 13.72
CA ILE B 66 4.03 -32.45 13.98
C ILE B 66 4.69 -32.88 12.68
N ASP B 67 3.90 -32.99 11.61
CA ASP B 67 4.44 -33.42 10.32
C ASP B 67 5.47 -32.43 9.79
N GLN B 68 5.12 -31.14 9.75
CA GLN B 68 6.07 -30.18 9.23
C GLN B 68 7.27 -30.03 10.16
N TYR B 69 7.09 -30.26 11.46
CA TYR B 69 8.21 -30.20 12.39
C TYR B 69 9.23 -31.29 12.09
N TYR B 70 8.79 -32.56 12.07
CA TYR B 70 9.71 -33.64 11.77
C TYR B 70 10.25 -33.55 10.34
N SER B 71 9.56 -32.83 9.46
CA SER B 71 10.11 -32.55 8.14
C SER B 71 11.15 -31.45 8.20
N SER B 72 11.00 -30.49 9.12
CA SER B 72 11.99 -29.44 9.27
C SER B 72 13.33 -29.99 9.75
N ILE B 73 13.32 -31.06 10.54
CA ILE B 73 14.55 -31.64 11.06
C ILE B 73 14.92 -32.92 10.32
N LYS B 74 14.41 -33.08 9.08
CA LYS B 74 14.85 -34.12 8.16
C LYS B 74 14.62 -35.52 8.73
N ARG B 75 13.46 -35.72 9.37
CA ARG B 75 13.13 -37.03 9.95
C ARG B 75 11.64 -37.34 9.78
N PHE B 76 11.05 -36.86 8.68
CA PHE B 76 9.67 -37.21 8.36
C PHE B 76 9.53 -38.71 8.21
N GLY B 77 8.59 -39.30 8.94
CA GLY B 77 8.37 -40.73 8.88
C GLY B 77 9.32 -41.57 9.71
N SER B 78 10.15 -40.96 10.54
CA SER B 78 11.07 -41.73 11.37
C SER B 78 10.31 -42.41 12.51
N LYS B 79 11.01 -43.30 13.21
CA LYS B 79 10.45 -43.87 14.43
C LYS B 79 10.01 -42.77 15.40
N ALA B 80 10.84 -41.75 15.58
CA ALA B 80 10.49 -40.65 16.45
C ALA B 80 9.19 -40.00 16.03
N HIS B 81 9.05 -39.73 14.72
CA HIS B 81 7.87 -39.08 14.19
C HIS B 81 6.63 -39.95 14.34
N MET B 82 6.72 -41.21 13.90
CA MET B 82 5.61 -42.14 14.06
C MET B 82 5.16 -42.19 15.52
N GLU B 83 6.12 -42.25 16.45
CA GLU B 83 5.77 -42.37 17.86
C GLU B 83 5.13 -41.09 18.38
N ARG B 84 5.74 -39.94 18.06
CA ARG B 84 5.20 -38.66 18.51
C ARG B 84 3.77 -38.47 18.06
N LEU B 85 3.43 -38.95 16.86
CA LEU B 85 2.06 -38.84 16.38
C LEU B 85 1.12 -39.65 17.24
N GLU B 86 1.48 -40.91 17.52
CA GLU B 86 0.70 -41.74 18.43
C GLU B 86 0.61 -41.12 19.82
N GLU B 87 1.71 -40.54 20.32
CA GLU B 87 1.69 -39.91 21.64
C GLU B 87 0.68 -38.77 21.70
N VAL B 88 0.56 -37.99 20.63
CA VAL B 88 -0.35 -36.84 20.64
C VAL B 88 -1.80 -37.28 20.46
N ASN B 89 -2.02 -38.31 19.63
CA ASN B 89 -3.37 -38.84 19.46
C ASN B 89 -3.92 -39.35 20.79
N LYS B 90 -3.12 -40.11 21.52
CA LYS B 90 -3.53 -40.61 22.84
C LYS B 90 -3.88 -39.45 23.78
N GLU B 91 -3.10 -38.38 23.72
CA GLU B 91 -3.25 -37.31 24.70
C GLU B 91 -4.44 -36.42 24.38
N ILE B 92 -4.64 -36.10 23.09
CA ILE B 92 -5.89 -35.46 22.68
C ILE B 92 -7.06 -36.35 23.06
N ASP B 93 -6.93 -37.67 22.86
CA ASP B 93 -7.99 -38.61 23.16
C ASP B 93 -8.46 -38.51 24.60
N THR B 94 -7.52 -38.53 25.54
CA THR B 94 -7.89 -38.64 26.95
C THR B 94 -8.09 -37.28 27.62
N THR B 95 -7.45 -36.22 27.15
CA THR B 95 -7.46 -34.94 27.84
C THR B 95 -8.10 -33.81 27.05
N SER B 96 -8.56 -34.05 25.82
CA SER B 96 -9.13 -33.02 24.94
C SER B 96 -8.12 -31.97 24.51
N THR B 97 -6.85 -32.19 24.78
CA THR B 97 -5.81 -31.25 24.39
C THR B 97 -4.49 -32.01 24.34
N TYR B 98 -3.40 -31.28 24.11
CA TYR B 98 -2.08 -31.88 24.26
C TYR B 98 -1.09 -30.77 24.54
N GLN B 99 0.13 -31.18 24.90
CA GLN B 99 1.22 -30.30 25.27
C GLN B 99 2.35 -30.44 24.27
N LEU B 100 2.91 -29.32 23.85
CA LEU B 100 4.04 -29.32 22.94
C LEU B 100 5.34 -29.63 23.69
N LYS B 101 6.17 -30.48 23.07
CA LYS B 101 7.54 -30.59 23.54
C LYS B 101 8.22 -29.23 23.45
N ASP B 102 9.27 -29.05 24.26
CA ASP B 102 10.02 -27.80 24.23
C ASP B 102 10.52 -27.49 22.82
N THR B 103 11.08 -28.50 22.13
CA THR B 103 11.58 -28.28 20.78
C THR B 103 10.48 -27.81 19.85
N GLU B 104 9.30 -28.44 19.93
CA GLU B 104 8.16 -28.01 19.15
C GLU B 104 7.76 -26.58 19.48
N LEU B 105 7.72 -26.24 20.77
CA LEU B 105 7.38 -24.89 21.19
C LEU B 105 8.33 -23.86 20.60
N ILE B 106 9.62 -24.16 20.57
CA ILE B 106 10.58 -23.20 20.01
C ILE B 106 10.40 -23.10 18.49
N TYR B 107 10.32 -24.25 17.82
CA TYR B 107 10.14 -24.29 16.37
C TYR B 107 8.86 -23.58 15.97
N GLY B 108 7.77 -23.85 16.69
CA GLY B 108 6.49 -23.25 16.35
C GLY B 108 6.48 -21.74 16.53
N ALA B 109 7.17 -21.24 17.55
CA ALA B 109 7.17 -19.81 17.80
C ALA B 109 8.05 -19.08 16.79
N LYS B 110 9.21 -19.64 16.48
CA LYS B 110 10.02 -19.06 15.42
C LYS B 110 9.24 -19.02 14.11
N HIS B 111 8.43 -20.05 13.84
CA HIS B 111 7.77 -20.12 12.56
C HIS B 111 6.53 -19.23 12.49
N ALA B 112 5.87 -18.96 13.62
CA ALA B 112 4.86 -17.91 13.64
C ALA B 112 5.45 -16.58 13.23
N TRP B 113 6.66 -16.27 13.70
CA TRP B 113 7.30 -15.03 13.26
C TRP B 113 7.64 -15.11 11.77
N ARG B 114 8.13 -16.26 11.31
CA ARG B 114 8.50 -16.44 9.92
C ARG B 114 7.29 -16.28 9.01
N ASN B 115 6.11 -16.67 9.50
CA ASN B 115 4.91 -16.62 8.68
C ASN B 115 4.17 -15.29 8.79
N ALA B 116 4.62 -14.36 9.63
CA ALA B 116 3.94 -13.09 9.83
C ALA B 116 4.04 -12.26 8.56
N SER B 117 3.02 -12.35 7.72
CA SER B 117 3.10 -11.71 6.42
CA SER B 117 3.04 -11.69 6.41
C SER B 117 3.29 -10.20 6.50
N ARG B 118 2.91 -9.57 7.62
CA ARG B 118 2.96 -8.13 7.75
C ARG B 118 4.25 -7.61 8.33
N CYS B 119 5.22 -8.49 8.63
CA CYS B 119 6.41 -8.07 9.37
C CYS B 119 7.57 -7.95 8.41
N VAL B 120 8.12 -6.73 8.30
CA VAL B 120 9.30 -6.49 7.48
C VAL B 120 10.58 -6.93 8.17
N GLY B 121 10.51 -7.31 9.43
CA GLY B 121 11.71 -7.63 10.18
C GLY B 121 12.10 -9.11 10.21
N ARG B 122 11.51 -9.92 9.32
CA ARG B 122 11.58 -11.36 9.45
C ARG B 122 12.91 -11.97 9.05
N ILE B 123 13.89 -11.20 8.55
CA ILE B 123 15.16 -11.80 8.20
C ILE B 123 15.81 -12.39 9.45
N GLN B 124 15.42 -11.89 10.61
CA GLN B 124 15.91 -12.31 11.92
C GLN B 124 15.12 -13.50 12.49
N TRP B 125 14.18 -14.06 11.72
CA TRP B 125 13.14 -14.90 12.30
C TRP B 125 13.70 -16.03 13.18
N SER B 126 14.82 -16.63 12.78
CA SER B 126 15.30 -17.80 13.48
C SER B 126 16.20 -17.46 14.66
N LYS B 127 16.56 -16.20 14.83
CA LYS B 127 17.28 -15.73 16.01
C LYS B 127 16.23 -15.14 16.95
N LEU B 128 15.54 -16.04 17.65
CA LEU B 128 14.46 -15.68 18.56
C LEU B 128 14.68 -16.39 19.87
N GLN B 129 14.78 -15.64 20.96
CA GLN B 129 14.94 -16.25 22.28
C GLN B 129 13.56 -16.57 22.82
N VAL B 130 13.30 -17.86 23.05
CA VAL B 130 11.98 -18.37 23.40
C VAL B 130 11.99 -18.70 24.90
N PHE B 131 11.12 -18.05 25.65
CA PHE B 131 11.00 -18.26 27.09
C PHE B 131 9.71 -19.03 27.37
N ASP B 132 9.85 -20.23 27.93
CA ASP B 132 8.72 -21.12 28.16
C ASP B 132 8.13 -20.82 29.53
N ALA B 133 6.96 -20.20 29.56
CA ALA B 133 6.29 -19.85 30.80
C ALA B 133 5.02 -20.66 31.01
N ARG B 134 4.97 -21.89 30.50
CA ARG B 134 3.75 -22.67 30.55
C ARG B 134 3.46 -23.26 31.92
N ASP B 135 4.39 -23.14 32.87
CA ASP B 135 4.18 -23.57 34.25
C ASP B 135 3.53 -22.50 35.10
N CYS B 136 3.45 -21.28 34.59
CA CYS B 136 2.85 -20.15 35.30
C CYS B 136 1.43 -20.46 35.73
N THR B 137 1.07 -19.98 36.94
CA THR B 137 -0.29 -20.10 37.48
C THR B 137 -0.90 -18.80 37.95
N THR B 138 -0.14 -17.75 38.22
CA THR B 138 -0.72 -16.53 38.79
C THR B 138 -0.17 -15.30 38.08
N ALA B 139 -0.83 -14.17 38.33
CA ALA B 139 -0.39 -12.91 37.75
C ALA B 139 0.97 -12.47 38.28
N HIS B 140 1.27 -12.77 39.55
CA HIS B 140 2.59 -12.47 40.10
C HIS B 140 3.67 -13.23 39.34
N GLY B 141 3.41 -14.48 38.97
CA GLY B 141 4.36 -15.22 38.15
C GLY B 141 4.49 -14.65 36.75
N MET B 142 3.38 -14.20 36.17
CA MET B 142 3.45 -13.50 34.89
C MET B 142 4.36 -12.29 35.00
N PHE B 143 4.14 -11.46 36.01
CA PHE B 143 4.95 -10.27 36.22
C PHE B 143 6.43 -10.62 36.34
N ASN B 144 6.74 -11.73 37.02
CA ASN B 144 8.13 -12.16 37.14
C ASN B 144 8.69 -12.59 35.79
N TYR B 145 7.92 -13.39 35.05
CA TYR B 145 8.32 -13.81 33.71
C TYR B 145 8.49 -12.63 32.77
N ILE B 146 7.66 -11.59 32.94
CA ILE B 146 7.73 -10.48 32.00
C ILE B 146 8.88 -9.54 32.33
N CYS B 147 9.22 -9.41 33.62
CA CYS B 147 10.40 -8.63 33.99
C CYS B 147 11.68 -9.29 33.46
N ASN B 148 11.74 -10.62 33.51
CA ASN B 148 12.90 -11.33 32.98
C ASN B 148 12.97 -11.14 31.47
N HIS B 149 11.83 -11.26 30.78
CA HIS B 149 11.79 -11.00 29.34
C HIS B 149 12.32 -9.60 29.05
N VAL B 150 11.76 -8.58 29.71
CA VAL B 150 12.17 -7.20 29.45
C VAL B 150 13.66 -7.02 29.70
N LYS B 151 14.16 -7.62 30.79
CA LYS B 151 15.56 -7.42 31.12
C LYS B 151 16.46 -8.11 30.10
N TYR B 152 16.06 -9.29 29.65
CA TYR B 152 16.85 -10.01 28.68
C TYR B 152 16.83 -9.29 27.33
N ALA B 153 15.62 -8.99 26.81
CA ALA B 153 15.49 -8.37 25.50
C ALA B 153 16.22 -7.03 25.44
N THR B 154 16.11 -6.23 26.49
CA THR B 154 16.69 -4.90 26.45
C THR B 154 18.21 -4.98 26.38
N ASN B 155 18.85 -5.70 27.31
CA ASN B 155 20.27 -6.03 27.19
C ASN B 155 21.13 -4.75 27.08
N LYS B 156 20.84 -3.79 27.97
CA LYS B 156 21.50 -2.48 28.02
C LYS B 156 21.53 -1.77 26.66
N GLY B 157 20.54 -2.01 25.81
CA GLY B 157 20.42 -1.34 24.54
C GLY B 157 20.77 -2.20 23.35
N ASN B 158 21.58 -3.24 23.54
CA ASN B 158 21.87 -4.18 22.47
C ASN B 158 20.71 -5.17 22.42
N LEU B 159 19.62 -4.73 21.79
CA LEU B 159 18.36 -5.43 21.88
C LEU B 159 18.43 -6.81 21.23
N ARG B 160 17.58 -7.71 21.72
CA ARG B 160 17.60 -9.11 21.36
C ARG B 160 16.16 -9.58 21.27
N SER B 161 15.82 -10.27 20.19
CA SER B 161 14.44 -10.69 19.99
C SER B 161 14.06 -11.77 21.00
N ALA B 162 12.84 -11.66 21.55
CA ALA B 162 12.40 -12.63 22.53
C ALA B 162 10.88 -12.77 22.50
N ILE B 163 10.40 -13.89 23.02
CA ILE B 163 8.98 -14.14 23.24
C ILE B 163 8.83 -14.94 24.53
N THR B 164 7.80 -14.63 25.30
CA THR B 164 7.48 -15.37 26.49
C THR B 164 6.08 -15.96 26.34
N ILE B 165 5.94 -17.26 26.54
CA ILE B 165 4.73 -17.99 26.20
C ILE B 165 4.13 -18.54 27.49
N PHE B 166 2.94 -18.04 27.86
CA PHE B 166 2.20 -18.44 29.04
C PHE B 166 1.27 -19.60 28.69
N PRO B 167 0.66 -20.26 29.70
CA PRO B 167 -0.11 -21.48 29.42
C PRO B 167 -1.17 -21.27 28.35
N GLN B 168 -1.45 -22.34 27.59
CA GLN B 168 -2.37 -22.27 26.47
C GLN B 168 -3.80 -22.22 26.96
N ARG B 169 -4.68 -21.79 26.06
CA ARG B 169 -6.10 -21.76 26.37
C ARG B 169 -6.61 -23.17 26.58
N THR B 170 -7.54 -23.33 27.53
CA THR B 170 -8.15 -24.62 27.78
C THR B 170 -9.59 -24.54 27.42
N ASP B 171 -10.50 -24.20 28.36
CA ASP B 171 -11.92 -24.09 28.11
C ASP B 171 -12.36 -22.68 27.71
N GLY B 172 -11.46 -21.71 27.68
CA GLY B 172 -11.81 -20.33 27.41
C GLY B 172 -12.20 -19.51 28.62
N LYS B 173 -12.59 -20.15 29.71
CA LYS B 173 -12.85 -19.42 30.94
C LYS B 173 -11.60 -19.19 31.77
N HIS B 174 -10.46 -19.78 31.38
CA HIS B 174 -9.23 -19.69 32.18
C HIS B 174 -8.08 -19.08 31.40
N ASP B 175 -8.36 -18.15 30.48
CA ASP B 175 -7.29 -17.59 29.65
C ASP B 175 -6.26 -16.85 30.47
N PHE B 176 -5.02 -16.93 30.03
CA PHE B 176 -3.99 -16.00 30.46
C PHE B 176 -4.01 -14.85 29.46
N ARG B 177 -4.03 -13.61 29.96
CA ARG B 177 -3.97 -12.44 29.08
C ARG B 177 -3.10 -11.37 29.71
N VAL B 178 -2.33 -10.67 28.86
CA VAL B 178 -1.68 -9.41 29.20
C VAL B 178 -2.61 -8.32 28.66
N TRP B 179 -3.27 -7.58 29.55
CA TRP B 179 -4.24 -6.60 29.09
C TRP B 179 -3.59 -5.44 28.36
N ASN B 180 -2.32 -5.17 28.60
CA ASN B 180 -1.64 -4.15 27.83
C ASN B 180 -1.45 -4.60 26.39
N SER B 181 -1.45 -3.62 25.48
CA SER B 181 -1.18 -3.90 24.08
C SER B 181 0.32 -4.03 23.83
N GLN B 182 1.14 -3.31 24.60
CA GLN B 182 2.58 -3.53 24.65
C GLN B 182 3.03 -3.53 26.10
N LEU B 183 4.14 -4.22 26.36
CA LEU B 183 4.69 -4.28 27.71
C LEU B 183 5.03 -2.89 28.21
N ILE B 184 5.59 -2.06 27.33
CA ILE B 184 5.94 -0.69 27.66
C ILE B 184 5.13 0.24 26.77
N ARG B 185 4.31 1.08 27.39
CA ARG B 185 3.55 2.10 26.68
C ARG B 185 3.40 3.32 27.58
N TYR B 186 3.08 4.45 26.98
CA TYR B 186 2.89 5.67 27.75
C TYR B 186 1.42 5.95 27.92
N ALA B 187 1.08 6.56 29.06
CA ALA B 187 -0.30 6.84 29.40
C ALA B 187 -0.82 8.05 28.64
N GLY B 188 -2.08 7.99 28.22
CA GLY B 188 -2.77 9.13 27.66
C GLY B 188 -3.94 9.55 28.52
N TYR B 189 -4.04 10.86 28.75
CA TYR B 189 -5.05 11.43 29.63
C TYR B 189 -5.94 12.38 28.84
N LYS B 190 -7.22 12.05 28.76
CA LYS B 190 -8.21 12.99 28.26
C LYS B 190 -8.28 14.19 29.20
N GLN B 191 -8.29 15.37 28.64
CA GLN B 191 -8.05 16.61 29.36
C GLN B 191 -9.35 17.35 29.66
N PRO B 192 -9.31 18.40 30.50
CA PRO B 192 -10.50 19.21 30.72
C PRO B 192 -11.03 19.84 29.44
N ASP B 193 -10.19 20.64 28.78
CA ASP B 193 -10.63 21.34 27.58
C ASP B 193 -11.04 20.35 26.50
N GLY B 194 -10.31 19.26 26.36
CA GLY B 194 -10.66 18.25 25.38
C GLY B 194 -9.47 17.51 24.79
N SER B 195 -8.30 18.15 24.79
CA SER B 195 -7.11 17.56 24.17
C SER B 195 -6.56 16.39 25.00
N THR B 196 -5.26 16.10 24.87
CA THR B 196 -4.70 14.87 25.40
C THR B 196 -3.30 15.11 25.95
N LEU B 197 -3.12 14.80 27.23
CA LEU B 197 -1.80 14.73 27.84
C LEU B 197 -1.25 13.32 27.69
N GLY B 198 -0.01 13.21 27.22
CA GLY B 198 0.60 11.91 27.03
C GLY B 198 0.27 11.30 25.69
N ASP B 199 0.24 9.97 25.61
CA ASP B 199 0.05 9.29 24.33
C ASP B 199 -1.44 9.08 24.06
N PRO B 200 -2.01 9.69 23.01
CA PRO B 200 -3.46 9.56 22.80
C PRO B 200 -3.89 8.14 22.46
N ALA B 201 -2.98 7.32 21.91
CA ALA B 201 -3.33 5.95 21.52
C ALA B 201 -3.75 5.08 22.69
N ASN B 202 -3.47 5.50 23.92
CA ASN B 202 -3.62 4.65 25.09
C ASN B 202 -4.61 5.21 26.10
N VAL B 203 -5.49 6.13 25.67
CA VAL B 203 -6.41 6.76 26.61
C VAL B 203 -7.37 5.74 27.19
N GLN B 204 -7.89 4.84 26.36
CA GLN B 204 -8.85 3.86 26.87
C GLN B 204 -8.21 2.97 27.93
N PHE B 205 -7.08 2.35 27.59
CA PHE B 205 -6.38 1.49 28.54
C PHE B 205 -5.97 2.26 29.79
N THR B 206 -5.60 3.53 29.65
CA THR B 206 -5.21 4.32 30.81
C THR B 206 -6.38 4.47 31.79
N GLU B 207 -7.58 4.74 31.26
CA GLU B 207 -8.75 4.84 32.13
C GLU B 207 -9.09 3.50 32.76
N ILE B 208 -8.84 2.41 32.04
CA ILE B 208 -9.04 1.10 32.63
C ILE B 208 -8.09 0.90 33.82
N CYS B 209 -6.84 1.32 33.67
CA CYS B 209 -5.87 1.18 34.76
C CYS B 209 -6.24 2.05 35.96
N ILE B 210 -6.66 3.30 35.70
CA ILE B 210 -7.08 4.14 36.82
C ILE B 210 -8.29 3.52 37.52
N GLN B 211 -9.25 3.03 36.74
CA GLN B 211 -10.42 2.37 37.31
C GLN B 211 -10.03 1.15 38.12
N GLN B 212 -8.91 0.51 37.79
CA GLN B 212 -8.44 -0.66 38.51
C GLN B 212 -7.60 -0.33 39.74
N GLY B 213 -7.37 0.95 40.01
CA GLY B 213 -6.64 1.36 41.19
C GLY B 213 -5.33 2.08 40.92
N TRP B 214 -4.87 2.15 39.66
CA TRP B 214 -3.60 2.83 39.37
C TRP B 214 -3.70 4.30 39.74
N LYS B 215 -2.67 4.80 40.41
CA LYS B 215 -2.59 6.22 40.73
C LYS B 215 -1.77 6.91 39.65
N PRO B 216 -2.38 7.64 38.72
CA PRO B 216 -1.64 8.18 37.58
C PRO B 216 -0.78 9.37 38.01
N PRO B 217 0.50 9.36 37.68
CA PRO B 217 1.32 10.57 37.87
C PRO B 217 0.90 11.73 36.96
N ARG B 218 0.10 11.47 35.93
CA ARG B 218 -0.40 12.50 35.01
C ARG B 218 0.73 13.37 34.46
N GLY B 219 1.71 12.70 33.84
CA GLY B 219 2.72 13.34 33.06
C GLY B 219 2.56 13.03 31.58
N ARG B 220 3.62 13.29 30.82
CA ARG B 220 3.57 13.00 29.38
C ARG B 220 4.09 11.60 29.07
N PHE B 221 5.09 11.14 29.81
CA PHE B 221 5.68 9.83 29.56
C PHE B 221 5.61 8.99 30.82
N ASP B 222 4.39 8.78 31.30
CA ASP B 222 4.16 7.87 32.40
C ASP B 222 4.11 6.45 31.85
N VAL B 223 5.10 5.62 32.22
CA VAL B 223 5.05 4.22 31.84
C VAL B 223 3.83 3.58 32.49
N LEU B 224 3.03 2.88 31.70
CA LEU B 224 1.82 2.30 32.25
C LEU B 224 2.13 1.05 33.07
N PRO B 225 1.33 0.76 34.07
CA PRO B 225 1.51 -0.48 34.83
C PRO B 225 1.12 -1.68 33.99
N LEU B 226 1.72 -2.81 34.33
CA LEU B 226 1.27 -4.08 33.76
C LEU B 226 -0.03 -4.49 34.45
N LEU B 227 -1.00 -4.89 33.63
CA LEU B 227 -2.29 -5.41 34.06
C LEU B 227 -2.37 -6.85 33.59
N LEU B 228 -2.31 -7.82 34.51
CA LEU B 228 -2.03 -9.20 34.14
C LEU B 228 -3.14 -10.13 34.60
N GLN B 229 -3.62 -10.97 33.70
CA GLN B 229 -4.69 -11.91 33.99
C GLN B 229 -4.16 -13.34 33.85
N ALA B 230 -4.27 -14.11 34.92
CA ALA B 230 -3.82 -15.49 34.97
C ALA B 230 -5.01 -16.43 35.22
N ASN B 231 -5.10 -17.47 34.39
CA ASN B 231 -6.08 -18.54 34.58
C ASN B 231 -7.50 -17.99 34.68
N GLY B 232 -7.81 -16.97 33.87
CA GLY B 232 -9.14 -16.37 33.83
C GLY B 232 -9.57 -15.59 35.06
N ASN B 233 -8.69 -15.30 35.98
CA ASN B 233 -9.07 -14.51 37.14
C ASN B 233 -9.08 -13.03 36.78
N ASP B 234 -9.49 -12.18 37.72
CA ASP B 234 -9.39 -10.74 37.53
C ASP B 234 -7.92 -10.33 37.40
N PRO B 235 -7.63 -9.29 36.60
CA PRO B 235 -6.24 -8.90 36.40
C PRO B 235 -5.73 -8.01 37.52
N GLU B 236 -4.42 -8.03 37.70
CA GLU B 236 -3.77 -7.37 38.82
C GLU B 236 -2.74 -6.38 38.30
N LEU B 237 -2.60 -5.25 39.00
CA LEU B 237 -1.66 -4.22 38.59
C LEU B 237 -0.27 -4.48 39.16
N PHE B 238 0.76 -4.16 38.37
CA PHE B 238 2.16 -4.30 38.72
C PHE B 238 2.97 -3.21 38.04
N GLN B 239 3.87 -2.58 38.79
CA GLN B 239 4.78 -1.59 38.24
C GLN B 239 6.10 -2.27 37.85
N ILE B 240 6.46 -2.15 36.57
CA ILE B 240 7.79 -2.60 36.10
C ILE B 240 8.85 -1.78 36.81
N PRO B 241 9.87 -2.41 37.41
CA PRO B 241 10.96 -1.62 38.00
C PRO B 241 11.49 -0.62 36.99
N PRO B 242 11.49 0.67 37.33
CA PRO B 242 11.86 1.69 36.34
C PRO B 242 13.23 1.47 35.73
N GLU B 243 14.16 0.88 36.50
CA GLU B 243 15.50 0.62 35.98
C GLU B 243 15.49 -0.38 34.83
N LEU B 244 14.40 -1.12 34.65
CA LEU B 244 14.29 -2.03 33.51
C LEU B 244 13.77 -1.35 32.23
N VAL B 245 13.21 -0.15 32.33
CA VAL B 245 12.60 0.52 31.17
C VAL B 245 13.66 1.44 30.57
N LEU B 246 14.28 1.00 29.47
CA LEU B 246 15.29 1.80 28.79
C LEU B 246 14.62 2.82 27.87
N GLU B 247 14.99 4.09 28.01
CA GLU B 247 14.38 5.19 27.27
C GLU B 247 15.45 5.99 26.55
N VAL B 248 15.02 6.73 25.53
CA VAL B 248 15.91 7.50 24.67
C VAL B 248 15.35 8.92 24.56
N PRO B 249 16.05 9.93 25.04
CA PRO B 249 15.61 11.30 24.78
C PRO B 249 15.82 11.64 23.31
N ILE B 250 14.81 12.26 22.69
CA ILE B 250 14.82 12.54 21.26
C ILE B 250 15.42 13.91 21.03
N ARG B 251 16.55 13.96 20.32
CA ARG B 251 17.18 15.20 19.93
C ARG B 251 17.51 15.13 18.44
N HIS B 252 17.88 16.28 17.88
CA HIS B 252 18.12 16.41 16.44
C HIS B 252 19.57 16.80 16.15
N PRO B 253 20.22 16.13 15.18
CA PRO B 253 21.63 16.44 14.89
C PRO B 253 21.90 17.85 14.37
N LYS B 254 20.93 18.51 13.74
CA LYS B 254 21.12 19.89 13.27
C LYS B 254 20.33 20.91 14.09
N PHE B 255 19.11 20.57 14.49
CA PHE B 255 18.23 21.50 15.17
C PHE B 255 18.45 21.35 16.68
N GLU B 256 19.10 22.34 17.28
CA GLU B 256 19.37 22.29 18.70
C GLU B 256 18.15 22.63 19.55
N TRP B 257 17.04 23.06 18.94
CA TRP B 257 15.81 23.30 19.69
C TRP B 257 14.96 22.06 19.83
N PHE B 258 15.25 21.00 19.07
CA PHE B 258 14.41 19.82 19.10
C PHE B 258 14.35 19.20 20.49
N LYS B 259 15.49 19.17 21.18
CA LYS B 259 15.52 18.65 22.55
C LYS B 259 14.60 19.45 23.45
N ASP B 260 14.38 20.73 23.14
CA ASP B 260 13.46 21.57 23.90
C ASP B 260 12.01 21.20 23.69
N LEU B 261 11.71 20.24 22.82
CA LEU B 261 10.37 19.70 22.74
C LEU B 261 10.06 18.73 23.86
N GLY B 262 11.06 18.37 24.66
CA GLY B 262 10.86 17.52 25.82
C GLY B 262 10.51 16.08 25.52
N LEU B 263 10.80 15.61 24.32
CA LEU B 263 10.34 14.31 23.85
C LEU B 263 11.32 13.20 24.21
N LYS B 264 10.76 12.00 24.40
CA LYS B 264 11.55 10.79 24.53
C LYS B 264 10.66 9.62 24.17
N TRP B 265 11.29 8.47 23.95
CA TRP B 265 10.56 7.25 23.65
C TRP B 265 11.28 6.09 24.30
N TYR B 266 10.59 4.95 24.37
CA TYR B 266 11.18 3.76 24.98
C TYR B 266 11.86 2.90 23.91
N GLY B 267 12.85 2.12 24.35
CA GLY B 267 13.70 1.38 23.43
C GLY B 267 13.11 0.07 22.97
N LEU B 268 12.20 -0.50 23.75
CA LEU B 268 11.81 -1.89 23.56
C LEU B 268 10.38 -1.98 23.05
N PRO B 269 10.15 -2.30 21.77
CA PRO B 269 8.76 -2.53 21.32
C PRO B 269 8.39 -3.99 21.57
N ALA B 270 7.34 -4.20 22.34
CA ALA B 270 7.06 -5.52 22.89
C ALA B 270 5.56 -5.73 22.88
N VAL B 271 5.09 -6.43 21.87
CA VAL B 271 3.67 -6.49 21.55
C VAL B 271 3.05 -7.65 22.32
N SER B 272 2.01 -7.34 23.09
CA SER B 272 1.59 -8.23 24.16
C SER B 272 0.12 -8.61 24.09
N ASN B 273 -0.60 -8.24 23.02
CA ASN B 273 -2.04 -8.51 22.94
C ASN B 273 -2.42 -9.44 21.79
N MET B 274 -1.46 -10.16 21.22
CA MET B 274 -1.75 -11.07 20.14
C MET B 274 -1.77 -12.52 20.61
N LEU B 275 -2.28 -13.38 19.74
CA LEU B 275 -2.48 -14.79 20.03
C LEU B 275 -1.53 -15.63 19.19
N LEU B 276 -0.78 -16.52 19.84
CA LEU B 276 0.09 -17.46 19.15
C LEU B 276 -0.65 -18.78 18.96
N GLU B 277 -0.79 -19.21 17.70
CA GLU B 277 -1.38 -20.50 17.40
C GLU B 277 -0.30 -21.46 16.88
N ILE B 278 -0.15 -22.60 17.54
CA ILE B 278 0.76 -23.67 17.12
C ILE B 278 0.01 -24.98 17.18
N GLY B 279 -0.07 -25.68 16.05
CA GLY B 279 -0.60 -27.05 16.04
C GLY B 279 -1.96 -27.20 16.69
N GLY B 280 -2.83 -26.22 16.48
CA GLY B 280 -4.15 -26.27 17.07
C GLY B 280 -4.27 -25.67 18.45
N LEU B 281 -3.15 -25.33 19.08
CA LEU B 281 -3.15 -24.77 20.42
C LEU B 281 -3.08 -23.25 20.36
N GLU B 282 -3.73 -22.60 21.32
CA GLU B 282 -3.86 -21.14 21.35
C GLU B 282 -3.19 -20.59 22.59
N PHE B 283 -2.15 -19.79 22.39
CA PHE B 283 -1.47 -19.12 23.49
C PHE B 283 -1.89 -17.65 23.51
N SER B 284 -2.88 -17.33 24.34
CA SER B 284 -3.48 -16.00 24.39
C SER B 284 -2.59 -14.99 25.10
N ALA B 285 -1.52 -15.42 25.77
CA ALA B 285 -0.52 -14.50 26.32
C ALA B 285 0.85 -14.93 25.81
N CYS B 286 1.44 -14.12 24.93
CA CYS B 286 2.72 -14.46 24.32
C CYS B 286 3.49 -13.20 23.93
N PRO B 287 3.77 -12.31 24.87
CA PRO B 287 4.43 -11.04 24.49
C PRO B 287 5.74 -11.30 23.77
N PHE B 288 5.90 -10.64 22.61
CA PHE B 288 7.11 -10.80 21.81
C PHE B 288 7.69 -9.43 21.49
N SER B 289 9.00 -9.39 21.29
CA SER B 289 9.67 -8.11 21.18
C SER B 289 10.86 -8.26 20.28
N GLY B 290 11.20 -7.16 19.61
CA GLY B 290 12.36 -7.06 18.77
C GLY B 290 13.03 -5.73 19.02
N TRP B 291 13.25 -4.97 17.96
CA TRP B 291 13.67 -3.59 18.08
C TRP B 291 12.91 -2.78 17.02
N TYR B 292 13.00 -1.45 17.11
CA TYR B 292 12.14 -0.60 16.31
C TYR B 292 12.69 -0.35 14.91
N MET B 293 11.76 -0.19 13.96
CA MET B 293 12.04 0.56 12.75
C MET B 293 11.69 2.02 13.03
N GLY B 294 12.61 2.92 12.76
CA GLY B 294 12.46 4.32 13.12
C GLY B 294 11.08 4.93 12.91
N THR B 295 10.41 4.55 11.81
CA THR B 295 9.12 5.14 11.44
C THR B 295 8.00 4.69 12.35
N GLU B 296 8.19 3.58 13.09
CA GLU B 296 7.16 3.14 14.03
C GLU B 296 7.01 4.12 15.19
N ILE B 297 8.06 4.88 15.47
N ILE B 297 8.08 4.80 15.58
CA ILE B 297 8.04 5.98 16.42
CA ILE B 297 8.02 5.54 16.85
C ILE B 297 7.85 7.31 15.72
C ILE B 297 7.00 6.68 16.74
N GLY B 298 8.68 7.60 14.70
N GLY B 298 5.86 6.49 17.41
CA GLY B 298 8.78 8.95 14.18
CA GLY B 298 4.72 7.37 17.24
C GLY B 298 7.66 9.34 13.24
C GLY B 298 4.71 8.59 18.14
N VAL B 299 7.04 8.36 12.58
N VAL B 299 5.86 9.25 18.25
CA VAL B 299 5.99 8.61 11.61
CA VAL B 299 5.94 10.49 19.03
C VAL B 299 4.61 8.40 12.20
C VAL B 299 5.36 11.67 18.29
N ARG B 300 4.42 7.32 12.94
N ARG B 300 5.13 11.55 16.97
CA ARG B 300 3.11 6.90 13.41
CA ARG B 300 4.63 12.68 16.18
C ARG B 300 2.81 7.37 14.83
C ARG B 300 3.21 13.08 16.57
N ASP B 301 3.71 7.05 15.77
N ASP B 301 2.46 12.20 17.22
CA ASP B 301 3.51 7.43 17.17
CA ASP B 301 1.08 12.47 17.61
C ASP B 301 3.54 8.93 17.40
C ASP B 301 0.96 13.00 19.04
N TYR B 302 4.10 9.71 16.47
N TYR B 302 2.07 13.21 19.73
CA TYR B 302 4.26 11.14 16.66
CA TYR B 302 2.03 13.94 20.99
C TYR B 302 3.46 12.01 15.70
C TYR B 302 1.67 15.39 20.75
N CYS B 303 2.93 11.46 14.61
N CYS B 303 1.16 16.04 21.80
CA CYS B 303 2.37 12.27 13.54
CA CYS B 303 0.82 17.45 21.76
C CYS B 303 0.98 11.86 13.08
C CYS B 303 1.92 18.23 22.47
N ASP B 304 0.45 10.72 13.52
N ASP B 304 2.62 19.10 21.72
CA ASP B 304 -0.94 10.41 13.23
CA ASP B 304 3.61 19.95 22.35
C ASP B 304 -1.85 11.43 13.91
C ASP B 304 2.96 20.94 23.30
N ASN B 305 -3.09 11.49 13.44
N ASN B 305 1.85 21.55 22.87
CA ASN B 305 -4.03 12.41 14.07
CA ASN B 305 1.12 22.50 23.69
C ASN B 305 -4.33 12.02 15.52
C ASN B 305 -0.35 22.09 23.64
N SER B 306 -4.36 10.72 15.81
N SER B 306 -1.23 23.04 23.95
CA SER B 306 -4.66 10.21 17.14
CA SER B 306 -2.66 22.77 24.03
C SER B 306 -3.42 9.88 17.95
C SER B 306 -3.37 22.84 22.70
N ARG B 307 -2.30 10.53 17.65
N ARG B 307 -2.63 22.94 21.58
CA ARG B 307 -1.06 10.31 18.41
CA ARG B 307 -3.29 23.10 20.28
C ARG B 307 -0.55 11.67 18.88
C ARG B 307 -2.52 22.46 19.13
N TYR B 308 0.76 11.75 19.16
N TYR B 308 -1.19 22.38 19.25
CA TYR B 308 1.31 12.93 19.83
CA TYR B 308 -0.35 22.01 18.11
C TYR B 308 1.10 14.20 19.02
C TYR B 308 0.29 20.64 18.28
N ASN B 309 1.16 14.13 17.69
N ASN B 309 0.25 19.87 17.21
CA ASN B 309 0.78 15.22 16.80
CA ASN B 309 0.85 18.55 17.11
C ASN B 309 1.64 16.47 17.02
C ASN B 309 2.37 18.65 17.16
N ILE B 310 2.96 16.28 17.01
N ILE B 310 3.01 17.49 17.31
CA ILE B 310 3.90 17.39 17.15
CA ILE B 310 4.45 17.42 17.12
C ILE B 310 4.38 17.93 15.81
C ILE B 310 4.79 17.71 15.67
N LEU B 311 3.95 17.31 14.71
CA LEU B 311 4.17 17.77 13.34
C LEU B 311 3.99 19.28 13.22
N GLU B 312 2.83 19.78 13.66
CA GLU B 312 2.57 21.21 13.59
C GLU B 312 3.64 22.01 14.32
N GLU B 313 4.07 21.55 15.50
CA GLU B 313 5.03 22.33 16.27
C GLU B 313 6.40 22.34 15.61
N VAL B 314 6.86 21.17 15.14
CA VAL B 314 8.16 21.10 14.47
C VAL B 314 8.20 22.02 13.27
N ALA B 315 7.20 21.90 12.38
CA ALA B 315 7.15 22.77 11.21
C ALA B 315 7.04 24.23 11.62
N LYS B 316 6.42 24.50 12.77
CA LYS B 316 6.40 25.87 13.28
C LYS B 316 7.80 26.35 13.64
N LYS B 317 8.56 25.51 14.37
CA LYS B 317 9.93 25.86 14.73
C LYS B 317 10.86 25.85 13.52
N MET B 318 10.52 25.09 12.47
CA MET B 318 11.24 25.16 11.20
C MET B 318 10.82 26.36 10.38
N ASN B 319 9.90 27.18 10.88
CA ASN B 319 9.45 28.41 10.23
C ASN B 319 8.89 28.15 8.83
N LEU B 320 8.22 27.01 8.66
CA LEU B 320 7.68 26.66 7.35
C LEU B 320 6.36 27.39 7.11
N ASP B 321 6.06 27.59 5.82
CA ASP B 321 4.75 28.10 5.39
C ASP B 321 3.73 27.00 5.61
N MET B 322 2.90 27.14 6.64
CA MET B 322 1.85 26.16 6.91
C MET B 322 0.48 26.65 6.47
N ARG B 323 0.43 27.67 5.62
CA ARG B 323 -0.85 28.21 5.16
C ARG B 323 -1.54 27.29 4.16
N LYS B 324 -0.77 26.53 3.39
CA LYS B 324 -1.31 25.67 2.34
C LYS B 324 -0.61 24.32 2.40
N THR B 325 -1.31 23.28 1.92
CA THR B 325 -0.74 21.93 1.92
C THR B 325 0.37 21.78 0.89
N SER B 326 0.26 22.45 -0.26
CA SER B 326 1.21 22.26 -1.34
C SER B 326 2.63 22.69 -0.98
N SER B 327 2.81 23.44 0.11
CA SER B 327 4.16 23.69 0.60
C SER B 327 4.83 22.42 1.13
N LEU B 328 4.07 21.33 1.30
CA LEU B 328 4.59 20.06 1.82
C LEU B 328 5.23 20.23 3.20
N TRP B 329 4.73 21.19 3.97
CA TRP B 329 5.29 21.43 5.29
C TRP B 329 5.14 20.20 6.18
N LYS B 330 4.04 19.45 6.04
CA LYS B 330 3.90 18.20 6.77
C LYS B 330 4.99 17.21 6.37
N ASP B 331 5.36 17.19 5.09
CA ASP B 331 6.31 16.20 4.61
C ASP B 331 7.72 16.52 5.10
N GLN B 332 8.08 17.80 5.13
CA GLN B 332 9.41 18.18 5.60
C GLN B 332 9.56 17.91 7.08
N ALA B 333 8.55 18.29 7.87
CA ALA B 333 8.62 18.09 9.31
C ALA B 333 8.59 16.62 9.64
N LEU B 334 7.97 15.80 8.78
CA LEU B 334 7.99 14.36 9.02
C LEU B 334 9.41 13.81 8.86
N VAL B 335 10.13 14.21 7.81
CA VAL B 335 11.48 13.67 7.63
C VAL B 335 12.36 14.07 8.82
N GLU B 336 12.25 15.31 9.27
CA GLU B 336 13.14 15.81 10.31
C GLU B 336 12.90 15.09 11.62
N ILE B 337 11.62 14.85 11.96
CA ILE B 337 11.29 14.10 13.16
C ILE B 337 11.89 12.71 13.10
N ASN B 338 11.94 12.12 11.89
CA ASN B 338 12.47 10.77 11.79
C ASN B 338 14.00 10.77 11.77
N ILE B 339 14.61 11.82 11.22
CA ILE B 339 16.05 11.98 11.38
C ILE B 339 16.39 12.00 12.87
N ALA B 340 15.64 12.81 13.63
CA ALA B 340 15.90 12.97 15.06
C ALA B 340 15.77 11.64 15.79
N VAL B 341 14.72 10.86 15.48
CA VAL B 341 14.52 9.58 16.15
C VAL B 341 15.70 8.64 15.89
N LEU B 342 16.13 8.54 14.63
CA LEU B 342 17.24 7.62 14.32
C LEU B 342 18.55 8.15 14.89
N TYR B 343 18.77 9.46 14.82
CA TYR B 343 19.98 10.03 15.40
C TYR B 343 20.06 9.76 16.91
N SER B 344 18.93 9.86 17.62
CA SER B 344 18.94 9.76 19.08
C SER B 344 19.20 8.33 19.54
N PHE B 345 18.47 7.37 18.97
CA PHE B 345 18.71 5.98 19.31
C PHE B 345 20.14 5.57 18.99
N GLN B 346 20.64 5.99 17.83
CA GLN B 346 22.02 5.64 17.46
C GLN B 346 23.02 6.31 18.38
N SER B 347 22.74 7.55 18.81
CA SER B 347 23.65 8.23 19.72
C SER B 347 23.70 7.55 21.09
N ASP B 348 22.60 6.93 21.50
CA ASP B 348 22.57 6.17 22.74
C ASP B 348 22.90 4.71 22.54
N LYS B 349 23.32 4.31 21.33
CA LYS B 349 23.68 2.90 21.08
C LYS B 349 22.53 1.97 21.47
N VAL B 350 21.31 2.42 21.20
CA VAL B 350 20.12 1.61 21.35
C VAL B 350 19.72 1.12 19.97
N THR B 351 19.54 -0.19 19.84
CA THR B 351 19.28 -0.80 18.54
C THR B 351 18.06 -0.19 17.87
N ILE B 352 18.22 0.17 16.60
CA ILE B 352 17.14 0.69 15.77
C ILE B 352 17.55 0.48 14.32
N VAL B 353 16.59 0.43 13.43
CA VAL B 353 16.84 0.24 12.01
C VAL B 353 16.01 1.26 11.23
N ASP B 354 16.62 1.89 10.25
CA ASP B 354 15.90 2.82 9.38
C ASP B 354 15.11 2.02 8.34
N HIS B 355 14.07 2.68 7.79
CA HIS B 355 13.19 2.01 6.85
C HIS B 355 13.88 1.70 5.50
N HIS B 356 15.02 2.33 5.21
CA HIS B 356 15.74 1.95 4.00
C HIS B 356 16.48 0.64 4.20
N SER B 357 17.23 0.53 5.29
CA SER B 357 17.96 -0.69 5.53
C SER B 357 17.01 -1.84 5.84
N ALA B 358 15.91 -1.56 6.55
CA ALA B 358 14.94 -2.60 6.87
C ALA B 358 14.33 -3.21 5.61
N THR B 359 13.86 -2.36 4.68
CA THR B 359 13.23 -2.90 3.46
C THR B 359 14.27 -3.60 2.58
N GLU B 360 15.48 -3.05 2.51
CA GLU B 360 16.55 -3.75 1.80
C GLU B 360 16.77 -5.14 2.39
N SER B 361 16.89 -5.23 3.72
CA SER B 361 17.02 -6.54 4.34
CA SER B 361 17.02 -6.54 4.36
C SER B 361 15.86 -7.46 3.95
N PHE B 362 14.65 -6.94 3.93
CA PHE B 362 13.50 -7.78 3.63
C PHE B 362 13.53 -8.30 2.19
N ILE B 363 13.96 -7.50 1.20
CA ILE B 363 14.12 -8.05 -0.14
C ILE B 363 15.10 -9.22 -0.10
N LYS B 364 16.24 -9.03 0.55
CA LYS B 364 17.20 -10.12 0.66
C LYS B 364 16.59 -11.33 1.38
N HIS B 365 15.74 -11.07 2.37
CA HIS B 365 15.04 -12.16 3.06
C HIS B 365 14.11 -12.89 2.11
N MET B 366 13.36 -12.14 1.29
CA MET B 366 12.46 -12.76 0.30
C MET B 366 13.24 -13.68 -0.63
N GLU B 367 14.38 -13.21 -1.16
CA GLU B 367 15.20 -14.06 -2.03
CA GLU B 367 15.19 -14.06 -2.03
C GLU B 367 15.55 -15.37 -1.33
N ASN B 368 16.04 -15.28 -0.10
CA ASN B 368 16.35 -16.47 0.68
C ASN B 368 15.15 -17.40 0.79
N GLU B 369 13.99 -16.82 1.14
CA GLU B 369 12.80 -17.62 1.39
C GLU B 369 12.30 -18.30 0.13
N TYR B 370 12.42 -17.64 -1.03
CA TYR B 370 12.01 -18.30 -2.25
C TYR B 370 12.98 -19.41 -2.63
N ARG B 371 14.26 -19.25 -2.31
CA ARG B 371 15.24 -20.31 -2.58
C ARG B 371 14.99 -21.53 -1.70
N CYS B 372 14.96 -21.35 -0.38
CA CYS B 372 14.96 -22.51 0.51
C CYS B 372 13.56 -22.99 0.87
N ARG B 373 12.54 -22.16 0.69
CA ARG B 373 11.20 -22.48 1.16
C ARG B 373 10.14 -22.41 0.06
N GLY B 374 10.48 -21.94 -1.14
CA GLY B 374 9.51 -21.84 -2.22
C GLY B 374 8.53 -20.70 -2.10
N GLY B 375 8.80 -19.73 -1.24
CA GLY B 375 7.91 -18.60 -1.09
C GLY B 375 8.13 -17.92 0.23
N CYS B 376 7.46 -16.80 0.37
CA CYS B 376 7.44 -15.98 1.59
C CYS B 376 6.16 -15.16 1.55
N PRO B 377 5.22 -15.43 2.45
CA PRO B 377 4.00 -14.62 2.49
C PRO B 377 4.34 -13.18 2.88
N ALA B 378 3.73 -12.23 2.19
CA ALA B 378 4.10 -10.84 2.44
C ALA B 378 2.94 -9.91 2.12
N ASP B 379 2.66 -9.00 3.03
CA ASP B 379 1.54 -8.09 2.96
C ASP B 379 2.10 -6.73 2.57
N TRP B 380 2.06 -6.45 1.25
CA TRP B 380 2.61 -5.21 0.70
C TRP B 380 2.06 -4.00 1.42
N VAL B 381 0.75 -4.00 1.68
CA VAL B 381 0.08 -2.90 2.39
C VAL B 381 0.77 -2.58 3.72
N TRP B 382 1.30 -3.58 4.41
CA TRP B 382 1.99 -3.37 5.66
C TRP B 382 3.51 -3.34 5.54
N ILE B 383 4.06 -4.05 4.55
CA ILE B 383 5.51 -4.07 4.37
C ILE B 383 6.04 -2.70 3.92
N VAL B 384 5.30 -2.02 3.05
CA VAL B 384 5.76 -0.73 2.53
C VAL B 384 5.74 0.30 3.65
N PRO B 385 6.86 0.98 3.89
CA PRO B 385 6.97 1.90 5.05
C PRO B 385 5.94 3.02 4.97
N PRO B 386 5.61 3.66 6.09
CA PRO B 386 4.58 4.71 6.08
C PRO B 386 5.07 6.07 5.61
N MET B 387 6.33 6.18 5.15
CA MET B 387 6.76 7.37 4.42
C MET B 387 7.73 6.92 3.33
N SER B 388 7.89 7.79 2.33
CA SER B 388 8.90 7.60 1.27
C SER B 388 8.80 6.22 0.64
N GLY B 389 7.59 5.68 0.55
CA GLY B 389 7.42 4.31 0.10
C GLY B 389 8.16 3.97 -1.18
N SER B 390 7.88 4.72 -2.25
CA SER B 390 8.39 4.28 -3.55
C SER B 390 9.89 4.39 -3.71
N ILE B 391 10.62 5.10 -2.83
CA ILE B 391 12.07 5.06 -2.86
C ILE B 391 12.62 3.96 -1.96
N THR B 392 11.75 3.08 -1.41
CA THR B 392 12.30 1.88 -0.80
C THR B 392 12.08 0.69 -1.74
N PRO B 393 12.97 -0.29 -1.67
CA PRO B 393 12.93 -1.41 -2.63
C PRO B 393 11.71 -2.31 -2.51
N VAL B 394 10.95 -2.24 -1.43
CA VAL B 394 9.72 -3.06 -1.38
C VAL B 394 8.61 -2.50 -2.26
N PHE B 395 8.58 -1.19 -2.53
CA PHE B 395 7.46 -0.60 -3.28
C PHE B 395 7.20 -1.30 -4.61
N HIS B 396 8.26 -1.63 -5.35
CA HIS B 396 8.11 -2.21 -6.69
C HIS B 396 8.22 -3.72 -6.69
N GLN B 397 8.25 -4.32 -5.52
CA GLN B 397 8.29 -5.75 -5.32
C GLN B 397 6.87 -6.29 -5.25
N GLU B 398 6.50 -7.11 -6.22
CA GLU B 398 5.23 -7.79 -6.13
C GLU B 398 5.32 -8.82 -5.01
N MET B 399 4.23 -8.96 -4.28
CA MET B 399 4.18 -9.87 -3.13
C MET B 399 2.91 -10.70 -3.19
N LEU B 400 3.01 -11.93 -2.71
CA LEU B 400 1.86 -12.81 -2.57
C LEU B 400 1.55 -12.96 -1.10
N ASN B 401 0.30 -12.73 -0.73
CA ASN B 401 -0.07 -12.79 0.67
C ASN B 401 -0.94 -14.02 0.89
N TYR B 402 -0.54 -14.85 1.85
CA TYR B 402 -1.28 -16.05 2.19
C TYR B 402 -0.95 -16.41 3.63
N ARG B 403 -1.80 -17.23 4.23
CA ARG B 403 -1.82 -17.41 5.68
C ARG B 403 -1.33 -18.81 6.02
N LEU B 404 -0.17 -18.89 6.65
CA LEU B 404 0.44 -20.14 7.04
C LEU B 404 0.40 -20.28 8.55
N THR B 405 0.41 -21.52 9.03
CA THR B 405 0.46 -21.74 10.47
C THR B 405 1.71 -22.54 10.82
N PRO B 406 2.29 -22.36 12.03
CA PRO B 406 1.98 -21.49 13.18
C PRO B 406 1.85 -20.00 12.87
N SER B 407 1.00 -19.29 13.61
CA SER B 407 0.80 -17.89 13.25
C SER B 407 0.48 -17.06 14.48
N PHE B 408 0.71 -15.76 14.32
CA PHE B 408 0.24 -14.76 15.27
C PHE B 408 -1.10 -14.20 14.78
N GLU B 409 -2.09 -14.22 15.66
CA GLU B 409 -3.44 -13.80 15.32
C GLU B 409 -3.89 -12.67 16.22
N TYR B 410 -4.88 -11.93 15.74
CA TYR B 410 -5.62 -10.97 16.54
C TYR B 410 -6.58 -11.71 17.47
N GLN B 411 -6.94 -11.02 18.55
CA GLN B 411 -7.89 -11.54 19.51
C GLN B 411 -8.62 -10.36 20.11
N PRO B 412 -9.83 -10.58 20.65
CA PRO B 412 -10.57 -9.47 21.25
C PRO B 412 -9.82 -8.88 22.43
N ASP B 413 -10.12 -7.63 22.73
CA ASP B 413 -9.61 -7.00 23.93
C ASP B 413 -10.26 -7.64 25.15
N PRO B 414 -9.49 -7.98 26.19
CA PRO B 414 -10.07 -8.75 27.30
C PRO B 414 -11.14 -8.01 28.07
N TRP B 415 -11.13 -6.68 28.06
CA TRP B 415 -12.18 -5.97 28.79
C TRP B 415 -13.55 -6.05 28.09
N ASN B 416 -13.62 -6.64 26.90
CA ASN B 416 -14.91 -6.85 26.24
C ASN B 416 -15.46 -8.25 26.50
N THR B 417 -14.61 -9.19 26.92
CA THR B 417 -14.97 -10.59 27.11
C THR B 417 -15.10 -11.00 28.56
N HIS B 418 -14.37 -10.33 29.46
CA HIS B 418 -14.16 -10.81 30.82
C HIS B 418 -15.40 -10.61 31.68
N VAL B 419 -15.81 -11.65 32.38
CA VAL B 419 -16.83 -11.55 33.43
C VAL B 419 -16.11 -11.35 34.75
N TRP B 420 -16.18 -10.14 35.29
CA TRP B 420 -15.52 -9.81 36.55
C TRP B 420 -16.12 -10.61 37.70
N LYS B 421 -15.53 -10.44 38.88
CA LYS B 421 -16.04 -11.08 40.09
C LYS B 421 -15.53 -10.36 41.35
CHA HEM C . -4.55 6.13 -12.16
CHB HEM C . -4.71 10.72 -10.64
CHC HEM C . -7.85 11.70 -14.20
CHD HEM C . -8.21 7.03 -15.28
C1A HEM C . -4.23 7.31 -11.51
C2A HEM C . -3.10 7.54 -10.62
C3A HEM C . -3.15 8.80 -10.20
C4A HEM C . -4.30 9.42 -10.82
CMA HEM C . -2.16 9.49 -9.23
CAA HEM C . -2.03 6.50 -10.21
CBA HEM C . -0.73 6.85 -10.92
CGA HEM C . 0.40 5.96 -10.46
O1A HEM C . 0.27 5.31 -9.38
O2A HEM C . 1.42 5.89 -11.16
C1B HEM C . -5.56 11.36 -11.48
C2B HEM C . -5.85 12.78 -11.44
C3B HEM C . -6.73 13.04 -12.40
C4B HEM C . -7.00 11.81 -13.11
CMB HEM C . -5.29 13.82 -10.45
CAB HEM C . -7.28 14.46 -12.67
CBB HEM C . -8.49 14.60 -13.21
C1C HEM C . -8.22 10.55 -14.84
C2C HEM C . -9.12 10.42 -15.99
C3C HEM C . -9.21 9.11 -16.31
C4C HEM C . -8.39 8.40 -15.35
CMC HEM C . -9.76 11.64 -16.67
CAC HEM C . -10.01 8.35 -17.37
CBC HEM C . -11.09 8.89 -17.97
C1D HEM C . -7.24 6.42 -14.52
C2D HEM C . -6.92 5.00 -14.59
C3D HEM C . -5.92 4.77 -13.74
C4D HEM C . -5.56 6.02 -13.11
CMD HEM C . -7.63 3.98 -15.53
CAD HEM C . -5.24 3.40 -13.45
CBD HEM C . -4.29 2.99 -14.58
CGD HEM C . -3.76 1.59 -14.32
O1D HEM C . -4.45 0.77 -13.66
O2D HEM C . -2.65 1.30 -14.82
NA HEM C . -4.93 8.49 -11.62
NB HEM C . -6.28 10.77 -12.51
NC HEM C . -7.82 9.30 -14.50
ND HEM C . -6.40 7.02 -13.59
FE HEM C . -6.60 8.78 -12.77
C02 OU4 D . -3.09 11.30 -14.12
C03 OU4 D . -4.16 11.34 -14.98
C04 OU4 D . -4.50 10.20 -15.69
C05 OU4 D . -3.79 9.02 -15.49
C06 OU4 D . -4.15 7.86 -16.17
C10 OU4 D . -2.74 9.01 -14.60
C07 OU4 D . -3.43 6.70 -15.96
C08 OU4 D . -2.37 6.68 -15.06
C09 OU4 D . -2.01 7.85 -14.40
C11 OU4 D . -5.66 10.25 -16.65
C21 OU4 D . -1.55 5.44 -14.92
C22 OU4 D . -0.72 5.18 -13.85
C23 OU4 D . 0.05 4.01 -13.84
C24 OU4 D . 0.01 3.13 -14.91
C25 OU4 D . -0.79 3.41 -15.99
C26 OU4 D . -1.55 4.58 -16.00
C27 OU4 D . -0.85 2.46 -17.18
C30 OU4 D . 1.79 1.69 -13.98
C32 OU4 D . 4.38 4.27 -13.66
C34 OU4 D . 2.98 2.63 -14.09
C35 OU4 D . 3.97 2.58 -15.06
N01 OU4 D . -2.40 10.14 -13.94
N02 OU4 D . -2.73 12.44 -13.45
N28 OU4 D . -0.23 3.08 -18.37
N33 OU4 D . 3.24 3.66 -13.26
O29 OU4 D . 0.76 1.97 -14.93
O31 OU4 D . 4.85 3.61 -14.77
C02 OU4 E . 2.00 0.88 -6.92
C03 OU4 E . 2.10 -0.41 -6.41
C04 OU4 E . 2.92 -1.36 -7.01
C05 OU4 E . 3.63 -0.98 -8.15
C06 OU4 E . 4.48 -1.87 -8.80
C10 OU4 E . 3.51 0.33 -8.63
C07 OU4 E . 5.20 -1.47 -9.94
C08 OU4 E . 5.07 -0.17 -10.42
C09 OU4 E . 4.23 0.72 -9.76
C11 OU4 E . 3.01 -2.77 -6.45
C21 OU4 E . 5.81 0.32 -11.63
C22 OU4 E . 6.03 -0.46 -12.76
C23 OU4 E . 6.74 0.06 -13.86
C24 OU4 E . 7.23 1.36 -13.82
C25 OU4 E . 7.02 2.15 -12.69
C26 OU4 E . 6.31 1.62 -11.62
C27 OU4 E . 7.52 3.58 -12.60
C30 OU4 E . 9.33 1.64 -15.09
C32 OU4 E . 10.93 0.88 -11.88
C34 OU4 E . 10.06 1.61 -13.77
C35 OU4 E . 10.69 2.69 -13.14
N01 OU4 E . 2.70 1.22 -8.03
N02 OU4 E . 1.20 1.78 -6.32
N28 OU4 E . 7.72 4.22 -13.92
N33 OU4 E . 10.22 0.54 -12.98
O29 OU4 E . 7.92 1.88 -14.90
O31 OU4 E . 11.23 2.23 -11.96
C1 GOL F . -23.80 -0.93 -11.59
O1 GOL F . -22.39 -1.16 -11.70
C2 GOL F . -24.14 0.55 -11.82
O2 GOL F . -23.00 1.26 -12.22
C3 GOL F . -24.70 1.19 -10.55
O3 GOL F . -24.46 2.59 -10.61
C1 GOL G . -19.32 16.04 -19.87
O1 GOL G . -18.91 17.35 -19.55
C2 GOL G . -20.02 15.94 -21.22
O2 GOL G . -21.36 15.58 -20.97
C3 GOL G . -19.44 14.81 -22.07
O3 GOL G . -18.78 15.26 -23.24
ZN ZN H . -6.84 -9.72 -2.23
CHA HEM I . 4.67 -6.14 12.24
CHB HEM I . 9.24 -4.49 12.22
CHC HEM I . 10.45 -8.22 15.10
CHD HEM I . 6.03 -10.11 14.82
C1A HEM I . 5.77 -5.31 12.05
C2A HEM I . 5.78 -3.93 11.54
C3A HEM I . 7.04 -3.50 11.54
C4A HEM I . 7.88 -4.56 12.06
CMA HEM I . 7.58 -2.12 11.08
CAA HEM I . 4.58 -3.10 11.07
CBA HEM I . 4.28 -2.11 12.19
CGA HEM I . 3.19 -1.15 11.82
O1A HEM I . 2.97 -0.94 10.61
O2A HEM I . 2.56 -0.60 12.74
C1B HEM I . 9.96 -5.35 13.01
C2B HEM I . 11.37 -5.24 13.32
C3B HEM I . 11.71 -6.26 14.10
C4B HEM I . 10.52 -7.07 14.32
CMB HEM I . 12.32 -4.13 12.83
CAB HEM I . 13.14 -6.48 14.65
CBB HEM I . 13.54 -7.65 15.14
C1C HEM I . 9.38 -9.05 15.32
C2C HEM I . 9.32 -10.20 16.21
C3C HEM I . 8.07 -10.71 16.14
C4C HEM I . 7.34 -9.91 15.18
CMC HEM I . 10.49 -10.71 17.09
CAC HEM I . 7.44 -11.95 16.80
CBC HEM I . 8.16 -13.03 17.09
C1D HEM I . 5.31 -9.18 14.07
C2D HEM I . 3.93 -9.35 13.71
C3D HEM I . 3.54 -8.29 13.01
C4D HEM I . 4.67 -7.37 12.91
CMD HEM I . 3.03 -10.56 14.06
CAD HEM I . 2.12 -8.15 12.44
CBD HEM I . 1.12 -7.51 13.39
CGD HEM I . -0.26 -7.68 12.80
O1D HEM I . -0.52 -8.68 12.04
O2D HEM I . -1.10 -6.80 13.09
NA HEM I . 7.07 -5.64 12.36
NB HEM I . 9.46 -6.47 13.63
NC HEM I . 8.14 -8.90 14.73
ND HEM I . 5.73 -7.95 13.58
FE HEM I . 7.70 -7.47 13.28
C02 OU4 J . 8.60 -4.09 16.01
C03 OU4 J . 8.82 -5.31 16.66
C04 OU4 J . 7.74 -6.16 16.89
C05 OU4 J . 6.47 -5.78 16.51
C06 OU4 J . 5.38 -6.62 16.73
C10 OU4 J . 6.26 -4.55 15.88
C07 OU4 J . 4.10 -6.23 16.33
C08 OU4 J . 3.88 -5.00 15.70
C09 OU4 J . 4.98 -4.16 15.48
C11 OU4 J . 7.94 -7.47 17.59
C21 OU4 J . 2.48 -4.61 15.34
C22 OU4 J . 2.18 -3.61 14.43
C23 OU4 J . 0.85 -3.28 14.15
C24 OU4 J . -0.21 -3.92 14.79
C25 OU4 J . 0.07 -4.91 15.71
C26 OU4 J . 1.41 -5.24 15.98
C27 OU4 J . -1.06 -5.62 16.40
C30 OU4 J . -2.27 -2.64 15.27
C32 OU4 J . -0.60 0.50 14.38
C34 OU4 J . -1.68 -1.25 15.16
C35 OU4 J . -1.76 -0.26 16.12
N01 OU4 J . 7.33 -3.75 15.66
N02 OU4 J . 9.63 -3.23 15.75
N28 OU4 J . -0.90 -5.56 17.87
N33 OU4 J . -0.96 -0.76 14.11
O29 OU4 J . -1.52 -3.58 14.51
O31 OU4 J . -1.08 0.84 15.64
C02 OU4 K . -1.12 -0.33 7.16
C03 OU4 K . -2.18 -0.39 6.26
C04 OU4 K . -3.46 -0.05 6.68
C05 OU4 K . -3.63 0.37 8.00
C06 OU4 K . -4.89 0.74 8.46
C10 OU4 K . -2.53 0.42 8.87
C07 OU4 K . -5.03 1.15 9.79
C08 OU4 K . -3.94 1.17 10.66
C09 OU4 K . -2.68 0.82 10.18
C11 OU4 K . -4.65 -0.10 5.76
C21 OU4 K . -4.06 1.65 12.08
C22 OU4 K . -5.18 1.43 12.87
C23 OU4 K . -5.24 1.93 14.16
C24 OU4 K . -4.17 2.66 14.68
C25 OU4 K . -3.04 2.88 13.89
C26 OU4 K . -3.01 2.38 12.61
C27 OU4 K . -1.85 3.66 14.41
C30 OU4 K . -5.12 4.23 16.28
C32 OU4 K . -5.44 7.25 14.18
C34 OU4 K . -4.95 5.49 15.43
C35 OU4 K . -3.76 6.11 15.07
N01 OU4 K . -1.31 0.07 8.43
N02 OU4 K . 0.15 -0.67 6.78
N28 OU4 K . -1.85 3.73 15.88
N33 OU4 K . -5.96 6.22 14.88
O29 OU4 K . -4.23 3.16 15.97
O31 OU4 K . -4.06 7.21 14.29
C1 GOL L . 5.12 -25.75 5.45
O1 GOL L . 4.09 -24.89 5.91
C2 GOL L . 6.44 -25.37 6.12
O2 GOL L . 6.24 -24.24 6.93
C3 GOL L . 7.51 -25.05 5.07
O3 GOL L . 8.64 -24.49 5.71
#